data_4IIN
#
_entry.id   4IIN
#
_cell.length_a   128.923
_cell.length_b   112.094
_cell.length_c   70.657
_cell.angle_alpha   90.000
_cell.angle_beta   90.000
_cell.angle_gamma   90.000
#
_symmetry.space_group_name_H-M   'P 21 21 2'
#
loop_
_entity.id
_entity.type
_entity.pdbx_description
1 polymer '3-ketoacyl-acyl carrier protein reductase (FabG)'
2 non-polymer NICOTINAMIDE-ADENINE-DINUCLEOTIDE
3 non-polymer 'POTASSIUM ION'
4 non-polymer 'ACETATE ION'
5 water water
#
_entity_poly.entity_id   1
_entity_poly.type   'polypeptide(L)'
_entity_poly.pdbx_seq_one_letter_code
;MHHHHHHSSGVDLGTENLYFQSNAMQFTGKNVLITGASKGIGAEIAKTLASMGLKVWINYRSNAEVADALKNELEEKGYK
AAVIKFDAASESDFIEAIQTIVQSDGGLSYLVNNAGVVRDKLAIKMKTEDFHHVIDNNLTSAFIGCREALKVMSKSRFGS
VVNVASIIGERGNMGQTNYSASKGGMIAMSKSFAYEGALRNIRFNSVTPGFIETDMNANLKDELKADYVKNIPLNRLGSA
KEVAEAVAFLLSDHSSYITGETLKVNGGLYM
;
_entity_poly.pdbx_strand_id   A,B,C,D
#
# COMPACT_ATOMS: atom_id res chain seq x y z
N ALA A 24 -22.05 23.88 -4.79
CA ALA A 24 -21.04 23.20 -5.64
C ALA A 24 -21.37 21.71 -5.66
N MET A 25 -20.80 20.91 -4.74
CA MET A 25 -20.89 19.44 -4.81
C MET A 25 -22.30 18.95 -4.50
N GLN A 26 -22.68 17.85 -5.11
CA GLN A 26 -24.01 17.30 -5.01
C GLN A 26 -24.12 16.36 -3.84
N PHE A 27 -25.17 16.55 -3.03
CA PHE A 27 -25.43 15.71 -1.89
C PHE A 27 -26.89 15.29 -1.89
N THR A 28 -27.14 14.00 -1.89
CA THR A 28 -28.49 13.49 -1.69
C THR A 28 -28.94 13.74 -0.24
N GLY A 29 -28.01 13.61 0.70
CA GLY A 29 -28.33 13.79 2.12
C GLY A 29 -28.51 15.24 2.53
N LYS A 30 -29.01 15.50 3.74
CA LYS A 30 -29.39 16.87 4.14
C LYS A 30 -28.60 17.39 5.30
N ASN A 31 -28.03 16.49 6.12
CA ASN A 31 -27.28 16.95 7.29
C ASN A 31 -26.09 16.10 7.67
N VAL A 32 -25.22 16.67 8.50
CA VAL A 32 -23.99 16.00 8.86
C VAL A 32 -23.64 16.27 10.29
N LEU A 33 -23.17 15.25 11.00
CA LEU A 33 -22.50 15.44 12.30
C LEU A 33 -20.98 15.38 12.18
N ILE A 34 -20.29 16.32 12.80
CA ILE A 34 -18.83 16.38 12.75
C ILE A 34 -18.27 16.39 14.16
N THR A 35 -17.54 15.37 14.53
CA THR A 35 -17.05 15.33 15.89
C THR A 35 -15.85 16.23 16.03
N GLY A 36 -15.72 16.84 17.21
CA GLY A 36 -14.61 17.76 17.49
C GLY A 36 -14.51 18.86 16.45
N ALA A 37 -15.60 19.55 16.22
CA ALA A 37 -15.69 20.53 15.14
C ALA A 37 -15.52 22.00 15.53
N SER A 38 -15.22 22.29 16.79
CA SER A 38 -15.19 23.70 17.26
C SER A 38 -14.00 24.49 16.67
N LYS A 39 -12.89 23.80 16.34
CA LYS A 39 -11.66 24.48 15.87
C LYS A 39 -10.90 23.64 14.81
N GLY A 40 -9.83 24.24 14.29
CA GLY A 40 -8.95 23.60 13.31
C GLY A 40 -9.62 22.98 12.09
N ILE A 41 -9.18 21.78 11.74
CA ILE A 41 -9.78 21.02 10.65
C ILE A 41 -11.29 20.77 10.80
N GLY A 42 -11.72 20.38 12.00
CA GLY A 42 -13.15 20.17 12.26
C GLY A 42 -13.96 21.39 11.91
N ALA A 43 -13.47 22.56 12.32
CA ALA A 43 -14.16 23.81 11.99
C ALA A 43 -14.29 24.03 10.49
N GLU A 44 -13.20 23.84 9.74
CA GLU A 44 -13.27 24.01 8.28
C GLU A 44 -14.21 23.04 7.60
N ILE A 45 -14.27 21.81 8.11
CA ILE A 45 -15.19 20.83 7.54
C ILE A 45 -16.60 21.39 7.65
N ALA A 46 -16.91 21.93 8.84
CA ALA A 46 -18.22 22.50 9.07
C ALA A 46 -18.47 23.65 8.15
N LYS A 47 -17.50 24.54 8.00
CA LYS A 47 -17.67 25.66 7.07
C LYS A 47 -17.95 25.20 5.68
N THR A 48 -17.09 24.30 5.20
CA THR A 48 -17.19 23.85 3.84
C THR A 48 -18.53 23.19 3.55
N LEU A 49 -18.94 22.29 4.44
CA LEU A 49 -20.17 21.54 4.21
C LEU A 49 -21.39 22.42 4.32
N ALA A 50 -21.39 23.35 5.29
CA ALA A 50 -22.47 24.30 5.41
C ALA A 50 -22.55 25.14 4.15
N SER A 51 -21.39 25.54 3.63
CA SER A 51 -21.40 26.35 2.42
C SER A 51 -21.97 25.59 1.22
N MET A 52 -22.08 24.27 1.33
CA MET A 52 -22.61 23.44 0.23
C MET A 52 -24.02 22.96 0.52
N GLY A 53 -24.70 23.57 1.49
CA GLY A 53 -26.15 23.36 1.66
C GLY A 53 -26.54 22.34 2.68
N LEU A 54 -25.56 21.74 3.33
CA LEU A 54 -25.80 20.76 4.42
C LEU A 54 -26.02 21.47 5.75
N LYS A 55 -26.92 20.93 6.57
CA LYS A 55 -27.10 21.39 7.95
C LYS A 55 -26.03 20.70 8.80
N VAL A 56 -25.17 21.50 9.42
CA VAL A 56 -24.02 20.95 10.09
C VAL A 56 -24.22 20.96 11.59
N TRP A 57 -23.94 19.83 12.21
CA TRP A 57 -23.96 19.71 13.65
C TRP A 57 -22.53 19.75 14.17
N ILE A 58 -22.22 20.82 14.91
CA ILE A 58 -20.88 21.10 15.38
C ILE A 58 -20.75 20.53 16.78
N ASN A 59 -19.95 19.47 16.92
CA ASN A 59 -19.75 18.86 18.23
C ASN A 59 -18.62 19.55 18.99
N TYR A 60 -18.82 19.76 20.30
CA TYR A 60 -17.80 20.27 21.23
C TYR A 60 -17.93 19.57 22.57
N ARG A 61 -16.87 19.63 23.38
CA ARG A 61 -16.81 18.96 24.70
C ARG A 61 -17.07 19.91 25.84
N SER A 62 -16.30 21.00 25.88
CA SER A 62 -16.31 21.89 27.04
C SER A 62 -16.77 23.31 26.67
N ASN A 63 -15.97 24.04 25.89
CA ASN A 63 -16.28 25.46 25.67
C ASN A 63 -17.31 25.75 24.55
N ALA A 64 -18.51 26.11 25.00
CA ALA A 64 -19.62 26.47 24.13
C ALA A 64 -19.42 27.80 23.38
N GLU A 65 -18.73 28.77 23.98
CA GLU A 65 -18.49 30.04 23.30
C GLU A 65 -17.91 29.85 21.91
N VAL A 66 -16.88 29.04 21.79
CA VAL A 66 -16.19 28.90 20.50
C VAL A 66 -17.09 28.27 19.44
N ALA A 67 -17.88 27.30 19.87
CA ALA A 67 -18.75 26.60 18.96
C ALA A 67 -19.88 27.50 18.51
N ASP A 68 -20.47 28.23 19.47
CA ASP A 68 -21.52 29.21 19.19
C ASP A 68 -21.05 30.30 18.21
N ALA A 69 -19.82 30.76 18.38
CA ALA A 69 -19.25 31.76 17.49
C ALA A 69 -19.17 31.24 16.05
N LEU A 70 -18.85 29.96 15.90
CA LEU A 70 -18.78 29.34 14.59
C LEU A 70 -20.19 29.19 14.01
N LYS A 71 -21.10 28.68 14.81
CA LYS A 71 -22.48 28.56 14.39
C LYS A 71 -23.05 29.90 13.92
N ASN A 72 -22.85 30.94 14.71
CA ASN A 72 -23.32 32.28 14.37
C ASN A 72 -22.70 32.74 13.07
N GLU A 73 -21.40 32.53 12.91
CA GLU A 73 -20.68 32.93 11.69
C GLU A 73 -21.32 32.25 10.45
N LEU A 74 -21.65 30.98 10.58
CA LEU A 74 -22.30 30.30 9.48
C LEU A 74 -23.72 30.82 9.20
N GLU A 75 -24.51 31.02 10.25
CA GLU A 75 -25.86 31.53 10.09
C GLU A 75 -25.83 32.91 9.39
N GLU A 76 -24.85 33.74 9.74
CA GLU A 76 -24.66 35.06 9.08
C GLU A 76 -24.54 34.97 7.60
N LYS A 77 -23.95 33.88 7.16
CA LYS A 77 -23.74 33.65 5.75
C LYS A 77 -24.94 32.99 5.10
N GLY A 78 -26.00 32.72 5.86
CA GLY A 78 -27.24 32.14 5.34
C GLY A 78 -27.26 30.62 5.43
N TYR A 79 -26.25 30.05 6.08
CA TYR A 79 -26.19 28.59 6.18
C TYR A 79 -26.93 28.01 7.39
N LYS A 80 -27.14 26.70 7.37
CA LYS A 80 -27.83 26.00 8.46
C LYS A 80 -26.82 25.27 9.38
N ALA A 81 -26.88 25.56 10.67
CA ALA A 81 -25.90 25.01 11.62
C ALA A 81 -26.48 24.90 13.03
N ALA A 82 -26.06 23.87 13.77
CA ALA A 82 -26.34 23.82 15.19
C ALA A 82 -25.12 23.30 15.90
N VAL A 83 -25.10 23.47 17.23
CA VAL A 83 -24.03 22.94 18.07
C VAL A 83 -24.59 21.86 18.95
N ILE A 84 -23.74 20.98 19.43
CA ILE A 84 -24.20 19.91 20.29
C ILE A 84 -23.04 19.42 21.16
N LYS A 85 -23.29 19.29 22.45
CA LYS A 85 -22.23 18.98 23.38
C LYS A 85 -22.17 17.49 23.63
N PHE A 86 -21.00 16.89 23.41
CA PHE A 86 -20.76 15.51 23.88
C PHE A 86 -19.29 15.08 23.77
N ASP A 87 -18.94 14.04 24.52
CA ASP A 87 -17.63 13.45 24.46
C ASP A 87 -17.79 12.25 23.56
N ALA A 88 -17.15 12.30 22.40
CA ALA A 88 -17.30 11.21 21.43
C ALA A 88 -16.77 9.86 21.92
N ALA A 89 -15.89 9.85 22.95
CA ALA A 89 -15.39 8.59 23.55
C ALA A 89 -16.37 7.95 24.52
N SER A 90 -17.42 8.68 24.85
CA SER A 90 -18.44 8.19 25.75
C SER A 90 -19.59 7.63 24.92
N GLU A 91 -19.84 6.35 25.06
CA GLU A 91 -20.86 5.66 24.29
C GLU A 91 -22.23 6.30 24.48
N SER A 92 -22.57 6.58 25.73
CA SER A 92 -23.90 6.99 26.04
C SER A 92 -24.08 8.40 25.56
N ASP A 93 -23.09 9.24 25.75
CA ASP A 93 -23.18 10.62 25.24
C ASP A 93 -23.41 10.63 23.73
N PHE A 94 -22.66 9.80 23.00
CA PHE A 94 -22.74 9.77 21.53
C PHE A 94 -24.09 9.28 21.07
N ILE A 95 -24.58 8.22 21.70
CA ILE A 95 -25.94 7.73 21.41
C ILE A 95 -27.00 8.82 21.64
N GLU A 96 -26.93 9.50 22.79
CA GLU A 96 -27.90 10.55 23.14
C GLU A 96 -27.84 11.66 22.12
N ALA A 97 -26.64 12.07 21.75
CA ALA A 97 -26.49 13.13 20.77
C ALA A 97 -27.13 12.78 19.44
N ILE A 98 -26.96 11.55 19.00
CA ILE A 98 -27.56 11.15 17.75
C ILE A 98 -29.07 11.16 17.82
N GLN A 99 -29.60 10.71 18.95
CA GLN A 99 -31.03 10.73 19.15
C GLN A 99 -31.57 12.17 19.11
N THR A 100 -30.84 13.11 19.68
CA THR A 100 -31.23 14.53 19.65
C THR A 100 -31.30 15.09 18.24
N ILE A 101 -30.31 14.71 17.43
CA ILE A 101 -30.29 15.09 16.01
C ILE A 101 -31.44 14.44 15.25
N VAL A 102 -31.70 13.17 15.55
CA VAL A 102 -32.77 12.44 14.83
C VAL A 102 -34.10 13.12 15.13
N GLN A 103 -34.31 13.54 16.37
CA GLN A 103 -35.54 14.25 16.76
C GLN A 103 -35.70 15.59 16.05
N SER A 104 -34.61 16.33 15.89
CA SER A 104 -34.70 17.65 15.24
C SER A 104 -34.87 17.54 13.75
N ASP A 105 -34.09 16.67 13.11
CA ASP A 105 -34.01 16.67 11.65
C ASP A 105 -34.75 15.51 11.04
N GLY A 106 -35.09 14.48 11.84
CA GLY A 106 -35.76 13.25 11.37
C GLY A 106 -34.85 12.10 10.90
N GLY A 107 -33.53 12.24 11.07
CA GLY A 107 -32.55 11.29 10.54
C GLY A 107 -31.18 11.95 10.44
N LEU A 108 -30.21 11.23 9.94
CA LEU A 108 -28.85 11.75 9.75
C LEU A 108 -28.19 11.03 8.57
N SER A 109 -27.75 11.78 7.56
CA SER A 109 -27.15 11.17 6.40
C SER A 109 -25.65 11.04 6.43
N TYR A 110 -24.96 11.97 7.10
CA TYR A 110 -23.51 12.00 7.03
C TYR A 110 -22.86 12.16 8.39
N LEU A 111 -21.73 11.49 8.59
CA LEU A 111 -20.94 11.58 9.83
C LEU A 111 -19.44 11.71 9.51
N VAL A 112 -18.78 12.64 10.19
CA VAL A 112 -17.34 12.80 10.10
C VAL A 112 -16.73 12.59 11.46
N ASN A 113 -15.95 11.53 11.62
CA ASN A 113 -15.20 11.28 12.85
C ASN A 113 -13.86 12.00 12.75
N ASN A 114 -13.86 13.20 13.33
CA ASN A 114 -12.71 14.08 13.33
C ASN A 114 -12.09 14.23 14.73
N ALA A 115 -12.83 13.92 15.79
CA ALA A 115 -12.34 14.06 17.16
C ALA A 115 -11.06 13.30 17.32
N GLY A 116 -10.04 13.94 17.84
CA GLY A 116 -8.75 13.29 18.04
C GLY A 116 -7.87 14.07 18.99
N VAL A 117 -6.96 13.36 19.67
CA VAL A 117 -5.94 13.98 20.52
C VAL A 117 -4.58 13.39 20.23
N VAL A 118 -3.56 14.05 20.77
CA VAL A 118 -2.19 13.54 20.73
C VAL A 118 -1.65 13.50 22.14
N ARG A 119 -0.82 12.52 22.44
CA ARG A 119 0.02 12.58 23.62
C ARG A 119 1.35 11.90 23.28
N ASP A 120 2.20 12.73 22.67
CA ASP A 120 3.47 12.31 22.09
C ASP A 120 4.53 12.14 23.18
N LYS A 121 5.19 11.00 23.15
CA LYS A 121 6.32 10.65 24.03
C LYS A 121 7.08 9.55 23.32
N LEU A 122 8.37 9.48 23.56
CA LEU A 122 9.12 8.28 23.19
C LEU A 122 8.52 7.08 23.91
N ALA A 123 8.49 5.95 23.22
CA ALA A 123 7.87 4.76 23.73
C ALA A 123 8.39 4.32 25.07
N ILE A 124 9.70 4.40 25.27
CA ILE A 124 10.30 3.99 26.56
C ILE A 124 9.81 4.87 27.75
N LYS A 125 9.38 6.10 27.48
CA LYS A 125 8.83 6.97 28.50
C LYS A 125 7.29 6.92 28.61
N MET A 126 6.65 6.02 27.88
CA MET A 126 5.21 6.11 27.72
C MET A 126 4.51 5.04 28.55
N LYS A 127 3.58 5.47 29.37
CA LYS A 127 2.84 4.54 30.23
C LYS A 127 1.71 3.93 29.43
N THR A 128 1.21 2.80 29.89
CA THR A 128 0.05 2.18 29.32
C THR A 128 -1.15 3.17 29.28
N GLU A 129 -1.32 3.98 30.33
CA GLU A 129 -2.38 5.01 30.41
C GLU A 129 -2.29 6.03 29.26
N ASP A 130 -1.06 6.34 28.87
CA ASP A 130 -0.83 7.28 27.77
C ASP A 130 -1.30 6.71 26.44
N PHE A 131 -1.13 5.40 26.30
CA PHE A 131 -1.54 4.67 25.16
C PHE A 131 -3.06 4.58 25.13
N HIS A 132 -3.65 4.11 26.22
CA HIS A 132 -5.13 4.02 26.32
C HIS A 132 -5.83 5.35 26.07
N HIS A 133 -5.26 6.41 26.63
CA HIS A 133 -5.82 7.76 26.43
C HIS A 133 -6.03 8.02 24.94
N VAL A 134 -4.98 7.84 24.15
CA VAL A 134 -5.07 8.16 22.73
C VAL A 134 -5.94 7.15 21.98
N ILE A 135 -5.89 5.86 22.34
CA ILE A 135 -6.75 4.86 21.74
C ILE A 135 -8.23 5.17 22.00
N ASP A 136 -8.59 5.48 23.25
CA ASP A 136 -9.97 5.80 23.63
C ASP A 136 -10.51 7.03 22.89
N ASN A 137 -9.73 8.08 22.84
CA ASN A 137 -10.21 9.30 22.18
C ASN A 137 -10.20 9.30 20.65
N ASN A 138 -9.36 8.46 20.03
CA ASN A 138 -9.13 8.55 18.61
C ASN A 138 -9.76 7.43 17.84
N LEU A 139 -9.75 6.26 18.44
CA LEU A 139 -10.15 5.04 17.78
C LEU A 139 -11.46 4.51 18.32
N THR A 140 -11.58 4.47 19.64
CA THR A 140 -12.85 4.07 20.27
C THR A 140 -13.94 5.05 19.93
N SER A 141 -13.61 6.34 19.94
CA SER A 141 -14.55 7.38 19.50
C SER A 141 -15.10 7.06 18.10
N ALA A 142 -14.22 6.80 17.16
CA ALA A 142 -14.59 6.49 15.79
C ALA A 142 -15.40 5.18 15.68
N PHE A 143 -15.06 4.18 16.48
CA PHE A 143 -15.85 2.95 16.47
C PHE A 143 -17.32 3.26 16.86
N ILE A 144 -17.51 4.09 17.88
CA ILE A 144 -18.83 4.40 18.37
C ILE A 144 -19.54 5.17 17.29
N GLY A 145 -18.88 6.17 16.73
CA GLY A 145 -19.50 6.94 15.65
C GLY A 145 -19.88 6.01 14.51
N CYS A 146 -18.97 5.17 14.05
CA CYS A 146 -19.28 4.37 12.86
C CYS A 146 -20.40 3.41 13.14
N ARG A 147 -20.41 2.86 14.36
CA ARG A 147 -21.47 1.94 14.76
C ARG A 147 -22.80 2.62 14.74
N GLU A 148 -22.90 3.78 15.39
CA GLU A 148 -24.16 4.53 15.44
C GLU A 148 -24.59 5.05 14.06
N ALA A 149 -23.63 5.40 13.22
CA ALA A 149 -23.96 5.83 11.88
C ALA A 149 -24.65 4.67 11.19
N LEU A 150 -24.10 3.49 11.38
CA LEU A 150 -24.66 2.29 10.78
C LEU A 150 -26.11 2.07 11.24
N LYS A 151 -26.38 2.20 12.54
CA LYS A 151 -27.74 2.03 13.05
C LYS A 151 -28.69 3.09 12.47
N VAL A 152 -28.28 4.36 12.46
CA VAL A 152 -29.21 5.41 12.11
C VAL A 152 -29.40 5.54 10.62
N MET A 153 -28.40 5.20 9.83
CA MET A 153 -28.48 5.37 8.40
C MET A 153 -29.10 4.17 7.70
N SER A 154 -29.18 3.01 8.35
CA SER A 154 -29.67 1.78 7.71
C SER A 154 -31.18 1.90 7.46
N LYS A 155 -31.86 2.60 8.35
CA LYS A 155 -33.29 2.91 8.20
C LYS A 155 -33.56 3.51 6.83
N SER A 156 -32.82 4.56 6.51
CA SER A 156 -33.01 5.31 5.25
C SER A 156 -32.29 4.64 4.08
N ARG A 157 -31.51 3.59 4.33
CA ARG A 157 -30.70 2.88 3.28
C ARG A 157 -29.88 3.88 2.44
N PHE A 158 -29.21 4.76 3.16
CA PHE A 158 -28.31 5.72 2.55
C PHE A 158 -27.41 6.36 3.60
N GLY A 159 -26.15 6.53 3.26
CA GLY A 159 -25.28 7.36 4.05
C GLY A 159 -23.85 7.34 3.58
N SER A 160 -23.07 8.22 4.15
CA SER A 160 -21.63 8.23 3.89
C SER A 160 -20.90 8.73 5.14
N VAL A 161 -19.82 8.07 5.48
CA VAL A 161 -19.10 8.38 6.69
C VAL A 161 -17.62 8.56 6.38
N VAL A 162 -16.99 9.59 6.97
CA VAL A 162 -15.58 9.82 6.79
C VAL A 162 -14.82 9.82 8.10
N ASN A 163 -13.77 9.04 8.11
CA ASN A 163 -12.89 8.97 9.27
C ASN A 163 -11.68 9.83 8.95
N VAL A 164 -11.41 10.82 9.82
CA VAL A 164 -10.22 11.66 9.66
C VAL A 164 -9.07 11.01 10.38
N ALA A 165 -8.22 10.38 9.56
CA ALA A 165 -7.07 9.66 10.05
C ALA A 165 -5.84 10.56 9.89
N SER A 166 -4.69 10.03 9.45
CA SER A 166 -3.46 10.83 9.37
C SER A 166 -2.37 10.06 8.63
N ILE A 167 -1.47 10.81 8.01
CA ILE A 167 -0.28 10.23 7.43
C ILE A 167 0.46 9.36 8.45
N ILE A 168 0.33 9.70 9.73
CA ILE A 168 1.01 8.97 10.79
C ILE A 168 0.45 7.57 10.92
N GLY A 169 -0.80 7.37 10.50
CA GLY A 169 -1.40 6.03 10.45
C GLY A 169 -0.93 5.12 9.33
N GLU A 170 -0.39 5.69 8.26
CA GLU A 170 0.10 4.89 7.12
C GLU A 170 1.59 4.56 7.26
N ARG A 171 2.31 5.47 7.89
CA ARG A 171 3.74 5.59 7.73
C ARG A 171 4.47 5.49 9.08
N GLY A 172 3.76 5.80 10.17
CA GLY A 172 4.38 5.86 11.48
C GLY A 172 5.15 7.13 11.71
N ASN A 173 5.66 7.30 12.93
CA ASN A 173 6.46 8.46 13.31
C ASN A 173 7.09 8.28 14.68
N MET A 174 8.30 8.79 14.82
CA MET A 174 9.03 8.77 16.07
C MET A 174 8.19 9.50 17.12
N GLY A 175 8.11 8.93 18.31
CA GLY A 175 7.38 9.52 19.41
C GLY A 175 5.86 9.40 19.33
N GLN A 176 5.36 8.63 18.38
CA GLN A 176 3.91 8.54 18.16
C GLN A 176 3.39 7.10 18.04
N THR A 177 3.95 6.21 18.84
CA THR A 177 3.47 4.84 18.82
C THR A 177 1.99 4.79 19.08
N ASN A 178 1.54 5.60 20.04
CA ASN A 178 0.11 5.57 20.39
C ASN A 178 -0.79 6.22 19.33
N TYR A 179 -0.42 7.40 18.84
CA TYR A 179 -1.17 8.07 17.78
C TYR A 179 -1.23 7.24 16.49
N SER A 180 -0.08 6.81 15.97
CA SER A 180 -0.04 5.90 14.77
C SER A 180 -0.89 4.66 14.96
N ALA A 181 -0.83 4.07 16.13
CA ALA A 181 -1.68 2.92 16.41
C ALA A 181 -3.15 3.23 16.24
N SER A 182 -3.57 4.41 16.73
CA SER A 182 -4.96 4.74 16.80
C SER A 182 -5.45 5.09 15.42
N LYS A 183 -4.61 5.76 14.63
CA LYS A 183 -4.99 6.19 13.26
C LYS A 183 -4.86 5.04 12.26
N GLY A 184 -3.83 4.24 12.37
CA GLY A 184 -3.78 2.97 11.61
C GLY A 184 -4.99 2.03 11.92
N GLY A 185 -5.45 2.07 13.17
CA GLY A 185 -6.57 1.20 13.60
C GLY A 185 -7.83 1.76 13.02
N MET A 186 -7.94 3.09 13.07
CA MET A 186 -9.04 3.78 12.43
C MET A 186 -9.14 3.45 10.94
N ILE A 187 -8.02 3.46 10.23
CA ILE A 187 -8.03 3.22 8.76
C ILE A 187 -8.55 1.80 8.47
N ALA A 188 -8.04 0.83 9.20
CA ALA A 188 -8.39 -0.56 9.01
C ALA A 188 -9.83 -0.84 9.41
N MET A 189 -10.24 -0.23 10.52
CA MET A 189 -11.56 -0.40 11.05
C MET A 189 -12.59 0.10 10.07
N SER A 190 -12.29 1.23 9.43
CA SER A 190 -13.17 1.85 8.42
C SER A 190 -13.43 0.93 7.25
N LYS A 191 -12.42 0.20 6.80
CA LYS A 191 -12.64 -0.83 5.79
C LYS A 191 -13.65 -1.88 6.21
N SER A 192 -13.54 -2.38 7.45
CA SER A 192 -14.49 -3.40 7.93
C SER A 192 -15.93 -2.88 7.97
N PHE A 193 -16.11 -1.66 8.42
CA PHE A 193 -17.42 -1.00 8.32
C PHE A 193 -17.92 -0.88 6.87
N ALA A 194 -17.00 -0.59 5.97
CA ALA A 194 -17.41 -0.42 4.59
C ALA A 194 -18.09 -1.71 4.16
N TYR A 195 -17.58 -2.86 4.56
CA TYR A 195 -18.22 -4.14 4.15
C TYR A 195 -19.59 -4.25 4.79
N GLU A 196 -19.70 -3.79 6.02
CA GLU A 196 -20.94 -3.97 6.73
C GLU A 196 -21.99 -3.01 6.21
N GLY A 197 -21.56 -1.81 5.78
CA GLY A 197 -22.50 -0.79 5.27
C GLY A 197 -22.88 -0.94 3.82
N ALA A 198 -22.13 -1.72 3.05
CA ALA A 198 -22.26 -1.75 1.61
C ALA A 198 -23.65 -2.12 1.03
N LEU A 199 -24.21 -3.25 1.43
CA LEU A 199 -25.56 -3.61 0.97
C LEU A 199 -26.67 -2.57 1.34
N ARG A 200 -26.55 -1.88 2.48
CA ARG A 200 -27.52 -0.80 2.85
C ARG A 200 -27.11 0.58 2.26
N ASN A 201 -26.23 0.58 1.26
CA ASN A 201 -25.70 1.80 0.64
C ASN A 201 -25.16 2.86 1.65
N ILE A 202 -24.44 2.39 2.67
CA ILE A 202 -23.69 3.26 3.53
C ILE A 202 -22.19 3.11 3.28
N ARG A 203 -21.55 4.16 2.78
CA ARG A 203 -20.13 4.14 2.44
C ARG A 203 -19.24 4.63 3.61
N PHE A 204 -18.06 4.04 3.75
CA PHE A 204 -17.12 4.44 4.78
C PHE A 204 -15.76 4.64 4.10
N ASN A 205 -15.15 5.78 4.36
CA ASN A 205 -13.85 6.12 3.78
C ASN A 205 -13.03 6.93 4.78
N SER A 206 -11.70 6.92 4.57
CA SER A 206 -10.77 7.67 5.39
C SER A 206 -10.05 8.73 4.57
N VAL A 207 -9.72 9.81 5.26
CA VAL A 207 -8.80 10.79 4.77
C VAL A 207 -7.52 10.73 5.59
N THR A 208 -6.35 10.81 4.95
CA THR A 208 -5.05 10.87 5.67
C THR A 208 -4.32 12.14 5.31
N PRO A 209 -4.62 13.21 6.00
CA PRO A 209 -3.90 14.47 5.86
C PRO A 209 -2.43 14.40 6.26
N GLY A 210 -1.60 15.19 5.56
CA GLY A 210 -0.20 15.35 5.94
C GLY A 210 -0.06 16.44 6.99
N PHE A 211 0.91 17.33 6.82
CA PHE A 211 1.06 18.43 7.74
C PHE A 211 0.23 19.60 7.31
N ILE A 212 -0.67 20.02 8.19
CA ILE A 212 -1.65 21.06 7.90
C ILE A 212 -1.43 22.26 8.81
N GLU A 213 -1.58 23.48 8.29
CA GLU A 213 -1.38 24.70 9.11
C GLU A 213 -2.49 24.80 10.16
N THR A 214 -2.12 25.07 11.41
CA THR A 214 -3.05 24.90 12.54
C THR A 214 -3.61 23.47 12.60
N ASP A 227 11.03 23.52 7.39
CA ASP A 227 11.85 22.44 7.92
C ASP A 227 11.26 21.04 7.60
N TYR A 228 10.08 20.74 8.16
CA TYR A 228 9.28 19.59 7.65
C TYR A 228 8.90 19.78 6.15
N VAL A 229 8.57 21.03 5.84
CA VAL A 229 8.32 21.55 4.48
C VAL A 229 9.34 21.14 3.43
N LYS A 230 10.60 21.02 3.83
CA LYS A 230 11.66 20.51 2.97
C LYS A 230 11.21 19.26 2.19
N ASN A 231 10.63 18.33 2.92
CA ASN A 231 10.19 17.03 2.37
C ASN A 231 8.87 17.03 1.64
N ILE A 232 8.11 18.12 1.72
CA ILE A 232 6.82 18.18 1.04
C ILE A 232 6.98 18.71 -0.38
N PRO A 233 6.75 17.87 -1.40
CA PRO A 233 6.96 18.32 -2.77
C PRO A 233 6.30 19.64 -3.15
N LEU A 234 5.04 19.81 -2.76
CA LEU A 234 4.34 21.07 -3.06
C LEU A 234 4.95 22.21 -2.27
N ASN A 235 5.83 21.88 -1.33
CA ASN A 235 6.65 22.88 -0.65
C ASN A 235 5.92 23.87 0.31
N ARG A 236 4.90 23.38 1.01
CA ARG A 236 4.10 24.20 1.92
C ARG A 236 3.18 23.27 2.69
N LEU A 237 2.67 23.76 3.80
CA LEU A 237 1.74 22.97 4.58
C LEU A 237 0.38 23.09 3.90
N GLY A 238 -0.48 22.09 4.13
CA GLY A 238 -1.80 22.08 3.61
C GLY A 238 -2.67 22.96 4.47
N SER A 239 -3.69 23.55 3.85
CA SER A 239 -4.68 24.30 4.58
C SER A 239 -5.76 23.36 5.09
N ALA A 240 -6.46 23.79 6.11
CA ALA A 240 -7.55 23.03 6.65
C ALA A 240 -8.68 22.85 5.61
N LYS A 241 -8.87 23.88 4.81
CA LYS A 241 -9.83 23.88 3.73
C LYS A 241 -9.56 22.77 2.71
N GLU A 242 -8.32 22.60 2.34
CA GLU A 242 -7.97 21.53 1.42
C GLU A 242 -8.30 20.14 2.00
N VAL A 243 -8.16 19.93 3.31
CA VAL A 243 -8.56 18.65 3.90
C VAL A 243 -10.08 18.56 3.86
N ALA A 244 -10.75 19.68 4.19
CA ALA A 244 -12.21 19.69 4.24
C ALA A 244 -12.85 19.42 2.91
N GLU A 245 -12.26 19.87 1.83
CA GLU A 245 -12.88 19.64 0.50
C GLU A 245 -12.71 18.18 0.08
N ALA A 246 -11.71 17.51 0.63
CA ALA A 246 -11.54 16.07 0.40
C ALA A 246 -12.56 15.26 1.18
N VAL A 247 -12.78 15.62 2.45
CA VAL A 247 -13.83 15.03 3.23
C VAL A 247 -15.16 15.22 2.50
N ALA A 248 -15.40 16.42 1.98
CA ALA A 248 -16.66 16.70 1.30
C ALA A 248 -16.87 15.82 0.08
N PHE A 249 -15.81 15.62 -0.70
CA PHE A 249 -15.91 14.77 -1.88
C PHE A 249 -16.33 13.38 -1.47
N LEU A 250 -15.73 12.85 -0.41
CA LEU A 250 -16.04 11.46 0.00
C LEU A 250 -17.46 11.31 0.53
N LEU A 251 -18.02 12.40 1.07
CA LEU A 251 -19.39 12.35 1.53
C LEU A 251 -20.35 12.47 0.36
N SER A 252 -19.96 13.26 -0.64
CA SER A 252 -20.81 13.64 -1.75
C SER A 252 -21.17 12.47 -2.65
N ASP A 253 -22.17 12.69 -3.52
CA ASP A 253 -22.67 11.71 -4.46
C ASP A 253 -21.61 11.36 -5.53
N HIS A 254 -20.65 12.25 -5.72
CA HIS A 254 -19.59 12.04 -6.70
C HIS A 254 -18.72 10.84 -6.35
N SER A 255 -18.67 10.46 -5.09
CA SER A 255 -17.84 9.38 -4.67
C SER A 255 -18.63 8.11 -4.48
N SER A 256 -19.75 7.97 -5.22
CA SER A 256 -20.72 6.91 -4.89
C SER A 256 -20.23 5.50 -5.11
N TYR A 257 -19.16 5.30 -5.89
CA TYR A 257 -18.55 3.93 -6.06
C TYR A 257 -17.24 3.78 -5.31
N ILE A 258 -17.00 4.69 -4.38
CA ILE A 258 -15.80 4.69 -3.54
C ILE A 258 -16.20 4.33 -2.11
N THR A 259 -15.78 3.15 -1.68
CA THR A 259 -15.97 2.81 -0.28
C THR A 259 -14.79 1.97 0.17
N GLY A 260 -14.45 2.08 1.45
CA GLY A 260 -13.28 1.38 2.00
C GLY A 260 -11.92 1.97 1.60
N GLU A 261 -11.90 3.15 1.04
CA GLU A 261 -10.68 3.76 0.52
C GLU A 261 -10.11 4.77 1.53
N THR A 262 -8.83 5.05 1.33
CA THR A 262 -8.06 5.99 2.11
C THR A 262 -7.52 7.10 1.19
N LEU A 263 -7.94 8.33 1.41
CA LEU A 263 -7.57 9.42 0.49
C LEU A 263 -6.48 10.25 1.08
N LYS A 264 -5.31 10.22 0.44
CA LYS A 264 -4.14 10.98 0.92
C LYS A 264 -4.22 12.45 0.56
N VAL A 265 -4.03 13.29 1.57
CA VAL A 265 -4.06 14.76 1.40
C VAL A 265 -2.82 15.36 2.07
N ASN A 266 -1.66 15.13 1.46
CA ASN A 266 -0.37 15.36 2.13
C ASN A 266 0.62 16.07 1.26
N GLY A 267 0.18 16.64 0.14
CA GLY A 267 1.07 17.42 -0.72
C GLY A 267 2.23 16.66 -1.41
N GLY A 268 2.12 15.33 -1.50
CA GLY A 268 3.17 14.50 -2.10
C GLY A 268 4.15 14.00 -1.04
N LEU A 269 3.95 14.36 0.24
CA LEU A 269 4.87 13.88 1.28
C LEU A 269 4.94 12.38 1.40
N TYR A 270 3.86 11.70 1.07
CA TYR A 270 3.79 10.23 1.10
C TYR A 270 2.93 9.78 -0.07
N MET A 271 3.51 8.92 -0.91
CA MET A 271 2.89 8.37 -2.05
C MET A 271 3.13 6.87 -2.05
N ALA B 24 19.60 -23.59 10.01
CA ALA B 24 18.94 -23.15 8.74
C ALA B 24 18.92 -21.65 8.48
N MET B 25 18.76 -20.90 9.58
CA MET B 25 19.08 -19.47 9.68
C MET B 25 20.08 -18.93 10.74
N GLN B 26 20.80 -17.86 10.41
CA GLN B 26 21.80 -17.30 11.28
C GLN B 26 21.15 -16.28 12.24
N PHE B 27 21.52 -16.38 13.51
CA PHE B 27 21.09 -15.45 14.53
C PHE B 27 22.29 -14.99 15.32
N THR B 28 22.51 -13.68 15.40
CA THR B 28 23.48 -13.12 16.33
C THR B 28 22.98 -13.26 17.76
N GLY B 29 21.68 -13.11 17.95
CA GLY B 29 21.09 -13.19 19.31
C GLY B 29 20.97 -14.62 19.82
N LYS B 30 20.66 -14.77 21.09
CA LYS B 30 20.70 -16.11 21.69
C LYS B 30 19.33 -16.58 22.20
N ASN B 31 18.41 -15.66 22.48
CA ASN B 31 17.13 -16.06 23.01
C ASN B 31 15.94 -15.24 22.50
N VAL B 32 14.74 -15.77 22.68
CA VAL B 32 13.53 -15.11 22.24
C VAL B 32 12.34 -15.32 23.16
N LEU B 33 11.53 -14.27 23.35
CA LEU B 33 10.26 -14.39 24.07
C LEU B 33 9.13 -14.34 23.07
N ILE B 34 8.18 -15.25 23.23
CA ILE B 34 7.07 -15.37 22.32
C ILE B 34 5.79 -15.32 23.11
N THR B 35 4.96 -14.33 22.89
CA THR B 35 3.75 -14.22 23.69
C THR B 35 2.70 -15.16 23.15
N GLY B 36 1.87 -15.70 24.02
CA GLY B 36 0.80 -16.63 23.66
C GLY B 36 1.34 -17.77 22.86
N ALA B 37 2.35 -18.44 23.40
CA ALA B 37 3.09 -19.46 22.64
C ALA B 37 2.71 -20.90 22.98
N SER B 38 1.72 -21.12 23.82
CA SER B 38 1.37 -22.49 24.25
C SER B 38 0.79 -23.35 23.14
N LYS B 39 0.13 -22.73 22.16
CA LYS B 39 -0.59 -23.43 21.11
C LYS B 39 -0.59 -22.68 19.76
N GLY B 40 -1.16 -23.33 18.74
CA GLY B 40 -1.25 -22.76 17.40
C GLY B 40 0.03 -22.18 16.83
N ILE B 41 -0.11 -21.01 16.21
CA ILE B 41 1.02 -20.35 15.57
C ILE B 41 2.17 -20.04 16.55
N GLY B 42 1.82 -19.50 17.71
CA GLY B 42 2.79 -19.31 18.74
C GLY B 42 3.62 -20.56 19.00
N ALA B 43 2.97 -21.72 19.14
CA ALA B 43 3.70 -22.96 19.40
C ALA B 43 4.70 -23.29 18.31
N GLU B 44 4.27 -23.19 17.06
CA GLU B 44 5.19 -23.44 15.93
C GLU B 44 6.38 -22.47 15.89
N ILE B 45 6.16 -21.23 16.27
CA ILE B 45 7.24 -20.27 16.28
C ILE B 45 8.28 -20.78 17.25
N ALA B 46 7.80 -21.23 18.41
CA ALA B 46 8.69 -21.76 19.44
C ALA B 46 9.46 -22.96 18.93
N LYS B 47 8.75 -23.89 18.28
CA LYS B 47 9.42 -25.06 17.72
C LYS B 47 10.48 -24.68 16.70
N THR B 48 10.08 -23.86 15.75
CA THR B 48 10.96 -23.46 14.68
C THR B 48 12.23 -22.74 15.21
N LEU B 49 12.05 -21.78 16.12
CA LEU B 49 13.17 -21.04 16.64
C LEU B 49 14.08 -21.88 17.55
N ALA B 50 13.50 -22.72 18.40
CA ALA B 50 14.28 -23.65 19.20
C ALA B 50 15.05 -24.60 18.29
N SER B 51 14.43 -25.06 17.22
CA SER B 51 15.15 -25.96 16.30
C SER B 51 16.32 -25.25 15.59
N MET B 52 16.34 -23.91 15.63
CA MET B 52 17.43 -23.13 15.04
C MET B 52 18.40 -22.59 16.08
N GLY B 53 18.38 -23.12 17.31
CA GLY B 53 19.45 -22.85 18.28
C GLY B 53 19.18 -21.71 19.26
N LEU B 54 18.00 -21.11 19.18
CA LEU B 54 17.56 -20.09 20.13
C LEU B 54 16.94 -20.72 21.38
N LYS B 55 17.18 -20.09 22.55
CA LYS B 55 16.49 -20.44 23.76
C LYS B 55 15.15 -19.74 23.76
N VAL B 56 14.08 -20.51 23.77
CA VAL B 56 12.74 -19.98 23.59
C VAL B 56 12.01 -19.86 24.92
N TRP B 57 11.42 -18.69 25.18
CA TRP B 57 10.59 -18.50 26.34
C TRP B 57 9.16 -18.54 25.90
N ILE B 58 8.45 -19.56 26.37
CA ILE B 58 7.07 -19.84 25.98
C ILE B 58 6.14 -19.16 26.98
N ASN B 59 5.45 -18.11 26.54
CA ASN B 59 4.50 -17.41 27.41
C ASN B 59 3.10 -18.06 27.35
N TYR B 60 2.46 -18.16 28.52
CA TYR B 60 1.07 -18.62 28.65
C TYR B 60 0.36 -17.82 29.73
N ARG B 61 -0.96 -17.85 29.71
CA ARG B 61 -1.79 -17.12 30.68
C ARG B 61 -2.29 -18.02 31.78
N SER B 62 -2.94 -19.12 31.37
CA SER B 62 -3.72 -19.92 32.29
C SER B 62 -3.19 -21.35 32.35
N ASN B 63 -3.34 -22.13 31.27
CA ASN B 63 -3.05 -23.57 31.35
C ASN B 63 -1.57 -23.94 31.17
N ALA B 64 -0.96 -24.28 32.30
CA ALA B 64 0.44 -24.66 32.36
C ALA B 64 0.72 -26.02 31.72
N GLU B 65 -0.23 -26.95 31.82
CA GLU B 65 -0.05 -28.30 31.24
C GLU B 65 0.44 -28.23 29.81
N VAL B 66 -0.25 -27.44 28.99
CA VAL B 66 0.03 -27.41 27.57
C VAL B 66 1.43 -26.81 27.31
N ALA B 67 1.79 -25.77 28.05
CA ALA B 67 3.07 -25.12 27.87
C ALA B 67 4.21 -26.04 28.30
N ASP B 68 4.07 -26.69 29.48
CA ASP B 68 5.04 -27.68 29.97
C ASP B 68 5.28 -28.78 29.00
N ALA B 69 4.20 -29.29 28.42
CA ALA B 69 4.30 -30.39 27.48
C ALA B 69 5.16 -29.96 26.28
N LEU B 70 5.03 -28.69 25.86
CA LEU B 70 5.74 -28.15 24.70
C LEU B 70 7.20 -27.98 25.08
N LYS B 71 7.43 -27.39 26.23
CA LYS B 71 8.78 -27.24 26.74
C LYS B 71 9.49 -28.58 26.86
N ASN B 72 8.84 -29.57 27.46
CA ASN B 72 9.39 -30.92 27.54
C ASN B 72 9.73 -31.49 26.18
N GLU B 73 8.80 -31.34 25.22
CA GLU B 73 8.98 -31.88 23.89
C GLU B 73 10.26 -31.29 23.28
N LEU B 74 10.49 -30.00 23.49
CA LEU B 74 11.64 -29.33 22.90
C LEU B 74 12.94 -29.75 23.59
N GLU B 75 12.91 -29.86 24.92
CA GLU B 75 14.08 -30.36 25.67
C GLU B 75 14.44 -31.79 25.26
N GLU B 76 13.44 -32.65 25.05
CA GLU B 76 13.71 -34.04 24.61
C GLU B 76 14.44 -34.10 23.27
N LYS B 77 14.24 -33.08 22.43
CA LYS B 77 14.92 -32.98 21.16
C LYS B 77 16.30 -32.31 21.27
N GLY B 78 16.72 -31.93 22.48
CA GLY B 78 18.03 -31.32 22.72
C GLY B 78 17.99 -29.79 22.73
N TYR B 79 16.80 -29.20 22.58
CA TYR B 79 16.73 -27.75 22.48
C TYR B 79 16.60 -27.06 23.86
N LYS B 80 16.78 -25.75 23.86
CA LYS B 80 16.67 -24.93 25.07
C LYS B 80 15.31 -24.21 25.08
N ALA B 81 14.56 -24.43 26.15
CA ALA B 81 13.23 -23.85 26.30
C ALA B 81 12.85 -23.60 27.74
N ALA B 82 12.08 -22.54 27.99
CA ALA B 82 11.45 -22.38 29.29
C ALA B 82 10.03 -21.84 29.11
N VAL B 83 9.20 -21.95 30.15
CA VAL B 83 7.85 -21.40 30.13
C VAL B 83 7.80 -20.24 31.11
N ILE B 84 6.86 -19.35 30.91
CA ILE B 84 6.74 -18.19 31.81
C ILE B 84 5.31 -17.63 31.74
N LYS B 85 4.71 -17.39 32.91
CA LYS B 85 3.29 -17.12 32.97
C LYS B 85 3.10 -15.64 33.08
N PHE B 86 2.31 -15.08 32.16
CA PHE B 86 1.88 -13.70 32.29
C PHE B 86 0.81 -13.29 31.27
N ASP B 87 0.09 -12.22 31.61
CA ASP B 87 -0.93 -11.68 30.75
C ASP B 87 -0.24 -10.54 30.04
N ALA B 88 -0.08 -10.69 28.73
CA ALA B 88 0.68 -9.74 27.95
C ALA B 88 0.01 -8.39 27.88
N ALA B 89 -1.27 -8.32 28.21
CA ALA B 89 -2.01 -7.04 28.29
C ALA B 89 -1.80 -6.31 29.62
N SER B 90 -1.12 -6.95 30.56
CA SER B 90 -0.86 -6.39 31.90
C SER B 90 0.56 -5.89 31.93
N GLU B 91 0.70 -4.59 32.12
CA GLU B 91 1.97 -3.93 32.08
C GLU B 91 2.94 -4.47 33.14
N SER B 92 2.44 -4.64 34.35
CA SER B 92 3.28 -5.03 35.45
C SER B 92 3.70 -6.50 35.32
N ASP B 93 2.78 -7.37 34.92
CA ASP B 93 3.14 -8.76 34.61
C ASP B 93 4.26 -8.85 33.53
N PHE B 94 4.12 -8.10 32.44
CA PHE B 94 5.05 -8.18 31.28
C PHE B 94 6.42 -7.67 31.72
N ILE B 95 6.45 -6.57 32.47
CA ILE B 95 7.71 -6.06 33.00
C ILE B 95 8.41 -7.09 33.89
N GLU B 96 7.66 -7.70 34.81
CA GLU B 96 8.24 -8.66 35.72
C GLU B 96 8.80 -9.85 34.91
N ALA B 97 8.05 -10.29 33.91
CA ALA B 97 8.49 -11.45 33.13
C ALA B 97 9.82 -11.16 32.44
N ILE B 98 9.98 -9.97 31.92
CA ILE B 98 11.20 -9.63 31.24
C ILE B 98 12.38 -9.54 32.20
N GLN B 99 12.13 -9.04 33.39
CA GLN B 99 13.14 -9.04 34.44
C GLN B 99 13.58 -10.46 34.83
N THR B 100 12.65 -11.40 34.90
CA THR B 100 12.96 -12.83 35.18
C THR B 100 13.86 -13.46 34.11
N ILE B 101 13.55 -13.16 32.85
CA ILE B 101 14.35 -13.60 31.73
C ILE B 101 15.75 -12.98 31.77
N VAL B 102 15.82 -11.70 32.11
CA VAL B 102 17.08 -10.99 32.11
C VAL B 102 17.98 -11.59 33.19
N GLN B 103 17.43 -11.92 34.35
CA GLN B 103 18.24 -12.58 35.40
C GLN B 103 18.68 -13.99 35.00
N SER B 104 17.88 -14.76 34.29
CA SER B 104 18.31 -16.09 33.88
C SER B 104 19.35 -16.08 32.75
N ASP B 105 19.11 -15.28 31.72
CA ASP B 105 19.90 -15.38 30.48
C ASP B 105 20.84 -14.20 30.33
N GLY B 106 20.65 -13.12 31.11
CA GLY B 106 21.51 -11.93 31.06
C GLY B 106 21.06 -10.84 30.07
N GLY B 107 19.90 -11.01 29.45
CA GLY B 107 19.45 -10.13 28.41
C GLY B 107 18.39 -10.82 27.57
N LEU B 108 17.93 -10.14 26.52
CA LEU B 108 16.97 -10.71 25.60
C LEU B 108 17.17 -10.07 24.23
N SER B 109 17.42 -10.88 23.20
CA SER B 109 17.66 -10.34 21.85
C SER B 109 16.43 -10.28 20.95
N TYR B 110 15.46 -11.16 21.14
CA TYR B 110 14.32 -11.23 20.25
C TYR B 110 13.00 -11.33 20.97
N LEU B 111 11.94 -10.72 20.38
CA LEU B 111 10.59 -10.76 20.91
C LEU B 111 9.56 -10.92 19.79
N VAL B 112 8.59 -11.78 20.01
CA VAL B 112 7.51 -11.97 19.09
C VAL B 112 6.18 -11.70 19.80
N ASN B 113 5.47 -10.65 19.38
CA ASN B 113 4.14 -10.38 19.88
C ASN B 113 3.12 -11.15 19.07
N ASN B 114 2.76 -12.31 19.62
CA ASN B 114 1.87 -13.24 18.94
C ASN B 114 0.54 -13.36 19.65
N ALA B 115 0.50 -13.02 20.93
CA ALA B 115 -0.73 -13.11 21.69
C ALA B 115 -1.80 -12.41 20.89
N GLY B 116 -2.93 -13.06 20.68
CA GLY B 116 -4.08 -12.44 20.01
C GLY B 116 -5.37 -13.21 20.24
N VAL B 117 -6.50 -12.51 20.16
CA VAL B 117 -7.85 -13.15 20.22
C VAL B 117 -8.73 -12.62 19.12
N VAL B 118 -9.88 -13.30 18.94
CA VAL B 118 -10.96 -12.80 18.10
C VAL B 118 -12.24 -12.78 18.88
N ARG B 119 -13.09 -11.82 18.60
CA ARG B 119 -14.48 -11.89 19.06
C ARG B 119 -15.36 -11.22 17.97
N ASP B 120 -15.71 -12.05 16.99
CA ASP B 120 -16.39 -11.66 15.77
C ASP B 120 -17.89 -11.49 15.97
N LYS B 121 -18.38 -10.33 15.57
CA LYS B 121 -19.80 -9.99 15.59
C LYS B 121 -20.00 -8.90 14.56
N LEU B 122 -21.19 -8.83 13.98
CA LEU B 122 -21.58 -7.63 13.24
C LEU B 122 -21.52 -6.43 14.16
N ALA B 123 -21.10 -5.32 13.61
CA ALA B 123 -20.90 -4.12 14.40
C ALA B 123 -22.12 -3.66 15.19
N ILE B 124 -23.30 -3.75 14.59
CA ILE B 124 -24.53 -3.35 15.26
C ILE B 124 -24.84 -4.21 16.50
N LYS B 125 -24.32 -5.43 16.53
CA LYS B 125 -24.49 -6.34 17.68
C LYS B 125 -23.30 -6.29 18.64
N MET B 126 -22.33 -5.41 18.40
CA MET B 126 -21.08 -5.45 19.16
C MET B 126 -21.04 -4.38 20.26
N LYS B 127 -20.78 -4.82 21.50
CA LYS B 127 -20.74 -3.90 22.62
C LYS B 127 -19.37 -3.27 22.66
N THR B 128 -19.26 -2.16 23.34
CA THR B 128 -18.00 -1.51 23.53
C THR B 128 -16.99 -2.45 24.19
N GLU B 129 -17.45 -3.26 25.15
CA GLU B 129 -16.59 -4.17 25.84
C GLU B 129 -16.03 -5.28 24.90
N ASP B 130 -16.79 -5.64 23.87
CA ASP B 130 -16.31 -6.59 22.85
C ASP B 130 -15.15 -5.99 22.07
N PHE B 131 -15.22 -4.67 21.85
CA PHE B 131 -14.19 -3.94 21.14
C PHE B 131 -12.94 -3.83 22.00
N HIS B 132 -13.11 -3.36 23.22
CA HIS B 132 -11.99 -3.24 24.15
C HIS B 132 -11.29 -4.55 24.37
N HIS B 133 -12.06 -5.62 24.52
CA HIS B 133 -11.50 -6.91 24.75
C HIS B 133 -10.44 -7.19 23.70
N VAL B 134 -10.79 -7.02 22.43
CA VAL B 134 -9.88 -7.36 21.36
C VAL B 134 -8.72 -6.33 21.26
N ILE B 135 -9.01 -5.04 21.48
CA ILE B 135 -7.95 -4.03 21.47
C ILE B 135 -6.93 -4.30 22.56
N ASP B 136 -7.40 -4.58 23.78
CA ASP B 136 -6.51 -4.80 24.90
C ASP B 136 -5.61 -6.01 24.67
N ASN B 137 -6.18 -7.10 24.21
CA ASN B 137 -5.40 -8.32 24.06
C ASN B 137 -4.53 -8.37 22.83
N ASN B 138 -4.88 -7.60 21.80
CA ASN B 138 -4.19 -7.68 20.52
C ASN B 138 -3.23 -6.56 20.23
N LEU B 139 -3.58 -5.37 20.68
CA LEU B 139 -2.83 -4.16 20.37
C LEU B 139 -2.10 -3.61 21.57
N THR B 140 -2.80 -3.52 22.70
CA THR B 140 -2.15 -3.04 23.91
C THR B 140 -1.04 -4.01 24.33
N SER B 141 -1.32 -5.29 24.22
CA SER B 141 -0.33 -6.33 24.48
C SER B 141 0.95 -6.11 23.66
N ALA B 142 0.79 -5.88 22.36
CA ALA B 142 1.90 -5.56 21.48
C ALA B 142 2.63 -4.24 21.81
N PHE B 143 1.89 -3.23 22.24
CA PHE B 143 2.56 -2.00 22.64
C PHE B 143 3.50 -2.28 23.79
N ILE B 144 3.03 -3.07 24.75
CA ILE B 144 3.82 -3.28 25.98
C ILE B 144 5.04 -4.10 25.63
N GLY B 145 4.85 -5.11 24.83
CA GLY B 145 5.98 -5.91 24.35
C GLY B 145 6.99 -5.08 23.57
N CYS B 146 6.54 -4.25 22.63
CA CYS B 146 7.47 -3.47 21.87
C CYS B 146 8.23 -2.49 22.75
N ARG B 147 7.52 -1.87 23.69
CA ARG B 147 8.12 -0.87 24.59
C ARG B 147 9.21 -1.50 25.45
N GLU B 148 8.90 -2.63 26.08
CA GLU B 148 9.88 -3.33 26.90
C GLU B 148 11.06 -3.91 26.07
N ALA B 149 10.78 -4.33 24.84
CA ALA B 149 11.83 -4.84 23.98
C ALA B 149 12.82 -3.69 23.75
N LEU B 150 12.25 -2.52 23.50
CA LEU B 150 13.05 -1.32 23.33
C LEU B 150 13.93 -1.07 24.57
N LYS B 151 13.38 -1.18 25.76
CA LYS B 151 14.16 -0.95 27.01
C LYS B 151 15.27 -1.97 27.25
N VAL B 152 14.97 -3.23 26.99
CA VAL B 152 15.94 -4.27 27.29
C VAL B 152 16.96 -4.50 26.23
N MET B 153 16.64 -4.17 24.98
CA MET B 153 17.57 -4.40 23.89
C MET B 153 18.49 -3.22 23.63
N SER B 154 18.17 -2.04 24.17
CA SER B 154 18.92 -0.82 23.88
C SER B 154 20.26 -0.88 24.53
N LYS B 155 20.31 -1.51 25.69
CA LYS B 155 21.55 -1.74 26.43
C LYS B 155 22.61 -2.32 25.49
N SER B 156 22.27 -3.43 24.87
CA SER B 156 23.22 -4.14 24.04
C SER B 156 23.26 -3.63 22.58
N ARG B 157 22.44 -2.62 22.25
CA ARG B 157 22.36 -2.05 20.88
C ARG B 157 22.17 -3.11 19.78
N PHE B 158 21.25 -4.02 20.04
CA PHE B 158 20.92 -5.03 19.08
C PHE B 158 19.60 -5.65 19.43
N GLY B 159 18.79 -5.88 18.40
CA GLY B 159 17.61 -6.69 18.61
C GLY B 159 16.73 -6.71 17.41
N SER B 160 15.74 -7.59 17.46
CA SER B 160 14.73 -7.66 16.41
C SER B 160 13.43 -8.10 17.00
N VAL B 161 12.35 -7.49 16.54
CA VAL B 161 11.05 -7.76 17.07
C VAL B 161 10.08 -8.00 15.96
N VAL B 162 9.19 -8.99 16.11
CA VAL B 162 8.13 -9.21 15.16
C VAL B 162 6.74 -9.15 15.76
N ASN B 163 5.86 -8.41 15.10
CA ASN B 163 4.49 -8.35 15.50
C ASN B 163 3.68 -9.25 14.59
N VAL B 164 2.94 -10.19 15.18
CA VAL B 164 2.07 -11.03 14.38
C VAL B 164 0.74 -10.32 14.19
N ALA B 165 0.53 -9.76 13.00
CA ALA B 165 -0.67 -9.09 12.63
C ALA B 165 -1.59 -10.01 11.82
N SER B 166 -2.21 -9.52 10.74
CA SER B 166 -3.17 -10.34 9.94
C SER B 166 -3.62 -9.62 8.71
N ILE B 167 -3.95 -10.41 7.72
CA ILE B 167 -4.56 -9.89 6.54
C ILE B 167 -5.76 -8.99 6.83
N ILE B 168 -6.46 -9.29 7.90
CA ILE B 168 -7.64 -8.51 8.26
C ILE B 168 -7.22 -7.07 8.65
N GLY B 169 -5.98 -6.88 9.06
CA GLY B 169 -5.45 -5.55 9.35
C GLY B 169 -5.16 -4.67 8.10
N GLU B 170 -4.95 -5.31 6.96
CA GLU B 170 -4.61 -4.60 5.74
C GLU B 170 -5.89 -4.29 4.92
N ARG B 171 -6.85 -5.18 5.05
CA ARG B 171 -7.91 -5.35 4.09
C ARG B 171 -9.31 -5.17 4.69
N GLY B 172 -9.42 -5.35 5.99
CA GLY B 172 -10.70 -5.36 6.65
C GLY B 172 -11.49 -6.64 6.38
N ASN B 173 -12.64 -6.74 7.06
CA ASN B 173 -13.53 -7.90 6.93
C ASN B 173 -14.87 -7.67 7.64
N MET B 174 -15.94 -8.16 7.03
CA MET B 174 -17.29 -8.16 7.60
C MET B 174 -17.26 -8.89 8.93
N GLY B 175 -17.87 -8.29 9.97
CA GLY B 175 -17.94 -8.87 11.29
C GLY B 175 -16.69 -8.69 12.14
N GLN B 176 -15.69 -7.94 11.68
CA GLN B 176 -14.41 -7.88 12.35
C GLN B 176 -13.89 -6.47 12.55
N THR B 177 -14.81 -5.56 12.81
CA THR B 177 -14.44 -4.16 13.05
C THR B 177 -13.41 -4.10 14.16
N ASN B 178 -13.59 -4.89 15.20
CA ASN B 178 -12.66 -4.86 16.34
C ASN B 178 -11.31 -5.50 16.04
N TYR B 179 -11.32 -6.69 15.46
CA TYR B 179 -10.09 -7.36 15.06
C TYR B 179 -9.26 -6.57 14.03
N SER B 180 -9.87 -6.15 12.91
CA SER B 180 -9.18 -5.31 11.93
C SER B 180 -8.60 -4.04 12.59
N ALA B 181 -9.37 -3.41 13.47
CA ALA B 181 -8.86 -2.26 14.19
C ALA B 181 -7.55 -2.54 14.95
N SER B 182 -7.52 -3.68 15.64
CA SER B 182 -6.43 -4.01 16.50
C SER B 182 -5.18 -4.39 15.70
N LYS B 183 -5.36 -5.10 14.60
CA LYS B 183 -4.25 -5.54 13.78
C LYS B 183 -3.75 -4.43 12.88
N GLY B 184 -4.65 -3.63 12.31
CA GLY B 184 -4.21 -2.41 11.57
C GLY B 184 -3.45 -1.42 12.44
N GLY B 185 -3.81 -1.39 13.72
CA GLY B 185 -3.18 -0.54 14.67
C GLY B 185 -1.81 -1.11 14.97
N MET B 186 -1.75 -2.42 15.14
CA MET B 186 -0.50 -3.09 15.38
C MET B 186 0.49 -2.83 14.23
N ILE B 187 0.01 -2.89 12.99
CA ILE B 187 0.88 -2.70 11.82
C ILE B 187 1.49 -1.28 11.80
N ALA B 188 0.64 -0.29 12.06
CA ALA B 188 1.08 1.11 12.06
C ALA B 188 2.02 1.37 13.21
N MET B 189 1.69 0.80 14.35
CA MET B 189 2.42 1.05 15.58
C MET B 189 3.85 0.54 15.45
N SER B 190 3.97 -0.62 14.83
CA SER B 190 5.27 -1.26 14.59
C SER B 190 6.20 -0.39 13.76
N LYS B 191 5.68 0.28 12.76
CA LYS B 191 6.46 1.25 12.02
C LYS B 191 7.02 2.34 12.92
N SER B 192 6.21 2.86 13.85
CA SER B 192 6.68 3.96 14.73
C SER B 192 7.78 3.46 15.62
N PHE B 193 7.61 2.26 16.18
CA PHE B 193 8.70 1.62 16.91
C PHE B 193 9.97 1.41 16.06
N ALA B 194 9.80 1.06 14.80
CA ALA B 194 10.97 0.90 13.92
C ALA B 194 11.78 2.19 13.89
N TYR B 195 11.12 3.34 13.84
CA TYR B 195 11.87 4.61 13.90
C TYR B 195 12.60 4.78 15.23
N GLU B 196 11.93 4.40 16.31
CA GLU B 196 12.51 4.63 17.59
C GLU B 196 13.62 3.66 17.85
N GLY B 197 13.51 2.45 17.34
CA GLY B 197 14.56 1.43 17.52
C GLY B 197 15.75 1.54 16.57
N ALA B 198 15.60 2.26 15.48
CA ALA B 198 16.62 2.28 14.43
C ALA B 198 18.04 2.74 14.89
N LEU B 199 18.14 3.87 15.58
CA LEU B 199 19.34 4.38 16.26
C LEU B 199 20.16 3.30 17.00
N ARG B 200 19.45 2.54 17.81
CA ARG B 200 20.06 1.52 18.65
C ARG B 200 20.07 0.15 17.95
N ASN B 201 19.93 0.13 16.62
CA ASN B 201 19.95 -1.12 15.85
C ASN B 201 18.93 -2.20 16.32
N ILE B 202 17.74 -1.75 16.69
CA ILE B 202 16.63 -2.64 17.00
C ILE B 202 15.58 -2.54 15.88
N ARG B 203 15.36 -3.64 15.17
CA ARG B 203 14.43 -3.68 14.08
C ARG B 203 13.01 -4.09 14.55
N PHE B 204 11.98 -3.53 13.93
CA PHE B 204 10.61 -3.95 14.16
C PHE B 204 9.92 -4.23 12.85
N ASN B 205 9.26 -5.37 12.77
CA ASN B 205 8.53 -5.74 11.58
C ASN B 205 7.26 -6.46 11.93
N SER B 206 6.31 -6.48 10.99
CA SER B 206 5.07 -7.25 11.10
C SER B 206 5.02 -8.39 10.07
N VAL B 207 4.35 -9.45 10.46
CA VAL B 207 3.87 -10.48 9.57
C VAL B 207 2.35 -10.35 9.43
N THR B 208 1.80 -10.47 8.21
CA THR B 208 0.32 -10.53 8.00
C THR B 208 -0.09 -11.85 7.34
N PRO B 209 -0.29 -12.91 8.15
CA PRO B 209 -0.76 -14.18 7.69
C PRO B 209 -2.15 -14.09 7.12
N GLY B 210 -2.43 -14.95 6.16
CA GLY B 210 -3.79 -15.12 5.66
C GLY B 210 -4.54 -16.15 6.51
N PHE B 211 -5.27 -17.06 5.87
CA PHE B 211 -5.96 -18.09 6.61
C PHE B 211 -5.05 -19.27 6.84
N ILE B 212 -4.86 -19.61 8.11
CA ILE B 212 -3.94 -20.64 8.55
C ILE B 212 -4.66 -21.81 9.23
N GLU B 213 -4.25 -23.06 8.96
CA GLU B 213 -4.85 -24.26 9.57
C GLU B 213 -4.59 -24.33 11.10
N THR B 214 -5.59 -24.75 11.88
CA THR B 214 -5.36 -25.23 13.28
C THR B 214 -4.46 -26.47 13.45
N VAL B 229 -10.98 -20.96 0.56
CA VAL B 229 -9.88 -21.61 -0.19
C VAL B 229 -10.05 -21.31 -1.69
N LYS B 230 -11.29 -21.25 -2.15
CA LYS B 230 -11.60 -20.84 -3.54
C LYS B 230 -10.77 -19.60 -3.95
N ASN B 231 -10.73 -18.62 -3.07
CA ASN B 231 -10.03 -17.35 -3.32
C ASN B 231 -8.53 -17.33 -3.11
N ILE B 232 -7.98 -18.37 -2.49
CA ILE B 232 -6.56 -18.42 -2.26
C ILE B 232 -5.83 -19.04 -3.46
N PRO B 233 -5.01 -18.26 -4.18
CA PRO B 233 -4.35 -18.79 -5.36
C PRO B 233 -3.61 -20.11 -5.15
N LEU B 234 -2.80 -20.21 -4.09
CA LEU B 234 -2.10 -21.47 -3.81
C LEU B 234 -3.07 -22.59 -3.42
N ASN B 235 -4.34 -22.24 -3.24
CA ASN B 235 -5.43 -23.23 -3.15
C ASN B 235 -5.44 -24.12 -1.90
N ARG B 236 -5.07 -23.55 -0.76
CA ARG B 236 -4.99 -24.27 0.49
C ARG B 236 -4.72 -23.27 1.58
N LEU B 237 -5.03 -23.64 2.81
CA LEU B 237 -4.73 -22.81 3.96
C LEU B 237 -3.27 -22.98 4.25
N GLY B 238 -2.70 -21.97 4.91
CA GLY B 238 -1.29 -21.97 5.24
C GLY B 238 -1.12 -22.78 6.48
N SER B 239 0.06 -23.37 6.62
CA SER B 239 0.42 -24.06 7.86
C SER B 239 0.99 -23.08 8.86
N ALA B 240 0.95 -23.43 10.11
CA ALA B 240 1.55 -22.62 11.15
C ALA B 240 3.08 -22.50 10.94
N LYS B 241 3.68 -23.54 10.43
CA LYS B 241 5.11 -23.60 10.17
C LYS B 241 5.53 -22.54 9.14
N GLU B 242 4.75 -22.42 8.10
CA GLU B 242 5.00 -21.41 7.08
C GLU B 242 4.95 -19.98 7.66
N VAL B 243 4.08 -19.71 8.63
CA VAL B 243 4.08 -18.39 9.28
C VAL B 243 5.32 -18.30 10.15
N ALA B 244 5.66 -19.39 10.86
CA ALA B 244 6.78 -19.40 11.78
C ALA B 244 8.13 -19.21 11.10
N GLU B 245 8.31 -19.71 9.90
CA GLU B 245 9.56 -19.51 9.19
C GLU B 245 9.68 -18.08 8.64
N ALA B 246 8.56 -17.41 8.37
CA ALA B 246 8.58 -15.99 8.02
C ALA B 246 8.95 -15.12 9.23
N VAL B 247 8.40 -15.43 10.39
CA VAL B 247 8.79 -14.73 11.60
C VAL B 247 10.28 -14.91 11.83
N ALA B 248 10.76 -16.11 11.67
CA ALA B 248 12.17 -16.42 11.90
C ALA B 248 13.07 -15.60 10.98
N PHE B 249 12.65 -15.44 9.73
CA PHE B 249 13.44 -14.69 8.76
C PHE B 249 13.55 -13.25 9.24
N LEU B 250 12.47 -12.69 9.72
CA LEU B 250 12.47 -11.28 10.18
C LEU B 250 13.26 -11.08 11.43
N LEU B 251 13.41 -12.12 12.25
CA LEU B 251 14.27 -12.03 13.43
C LEU B 251 15.74 -12.23 13.10
N SER B 252 16.00 -13.11 12.11
CA SER B 252 17.37 -13.50 11.73
C SER B 252 18.20 -12.35 11.20
N ASP B 253 19.50 -12.57 11.17
CA ASP B 253 20.46 -11.63 10.57
C ASP B 253 20.25 -11.41 9.07
N HIS B 254 19.61 -12.36 8.38
CA HIS B 254 19.31 -12.21 6.95
C HIS B 254 18.40 -11.04 6.62
N SER B 255 17.60 -10.59 7.58
CA SER B 255 16.73 -9.47 7.35
C SER B 255 17.29 -8.16 7.93
N SER B 256 18.61 -8.06 8.03
CA SER B 256 19.23 -6.94 8.80
C SER B 256 19.01 -5.52 8.23
N TYR B 257 18.63 -5.40 6.95
CA TYR B 257 18.29 -4.10 6.34
C TYR B 257 16.76 -3.92 6.12
N ILE B 258 15.98 -4.81 6.76
CA ILE B 258 14.51 -4.75 6.74
C ILE B 258 13.98 -4.26 8.07
N THR B 259 13.44 -3.06 8.11
CA THR B 259 12.75 -2.61 9.32
C THR B 259 11.55 -1.73 8.97
N GLY B 260 10.52 -1.82 9.78
CA GLY B 260 9.25 -1.15 9.46
C GLY B 260 8.43 -1.73 8.34
N GLU B 261 8.73 -2.97 7.97
CA GLU B 261 8.04 -3.62 6.90
C GLU B 261 6.91 -4.55 7.43
N THR B 262 5.98 -4.87 6.52
CA THR B 262 4.84 -5.78 6.73
C THR B 262 4.90 -6.97 5.74
N LEU B 263 5.16 -8.18 6.22
CA LEU B 263 5.43 -9.33 5.35
C LEU B 263 4.17 -10.14 5.21
N LYS B 264 3.59 -10.12 4.01
CA LYS B 264 2.39 -10.93 3.72
C LYS B 264 2.68 -12.46 3.58
N VAL B 265 1.92 -13.24 4.35
CA VAL B 265 1.98 -14.71 4.33
C VAL B 265 0.54 -15.21 4.20
N ASN B 266 -0.03 -15.01 3.00
CA ASN B 266 -1.42 -15.28 2.74
C ASN B 266 -1.69 -16.08 1.47
N GLY B 267 -0.65 -16.71 0.89
CA GLY B 267 -0.83 -17.58 -0.27
C GLY B 267 -1.32 -16.90 -1.53
N GLY B 268 -1.17 -15.57 -1.63
CA GLY B 268 -1.71 -14.80 -2.77
C GLY B 268 -3.12 -14.25 -2.56
N LEU B 269 -3.72 -14.48 -1.41
CA LEU B 269 -5.11 -14.03 -1.15
C LEU B 269 -5.24 -12.52 -1.13
N TYR B 270 -4.16 -11.83 -0.82
CA TYR B 270 -4.09 -10.38 -0.91
C TYR B 270 -2.71 -9.96 -1.37
N MET B 271 -2.69 -9.19 -2.45
CA MET B 271 -1.47 -8.67 -3.06
C MET B 271 -1.54 -7.16 -3.25
N ALA C 24 22.62 -23.40 5.01
CA ALA C 24 21.70 -22.65 5.89
C ALA C 24 20.28 -22.90 5.37
N MET C 25 19.76 -22.05 4.46
CA MET C 25 18.35 -22.09 4.09
C MET C 25 18.02 -23.36 3.28
N GLN C 26 16.81 -23.87 3.43
CA GLN C 26 16.39 -25.09 2.80
C GLN C 26 15.81 -24.80 1.43
N PHE C 27 16.28 -25.56 0.44
CA PHE C 27 15.81 -25.46 -0.92
C PHE C 27 15.46 -26.82 -1.43
N THR C 28 14.23 -27.00 -1.90
CA THR C 28 13.85 -28.22 -2.60
C THR C 28 14.52 -28.25 -3.99
N GLY C 29 14.64 -27.07 -4.63
CA GLY C 29 15.20 -26.98 -5.98
C GLY C 29 16.70 -27.09 -5.98
N LYS C 30 17.30 -27.25 -7.16
CA LYS C 30 18.74 -27.54 -7.24
C LYS C 30 19.53 -26.47 -7.94
N ASN C 31 18.88 -25.66 -8.78
CA ASN C 31 19.62 -24.65 -9.50
C ASN C 31 18.87 -23.35 -9.73
N VAL C 32 19.61 -22.30 -10.08
CA VAL C 32 19.04 -20.98 -10.27
C VAL C 32 19.69 -20.22 -11.38
N LEU C 33 18.88 -19.52 -12.18
CA LEU C 33 19.42 -18.53 -13.16
C LEU C 33 19.25 -17.12 -12.62
N ILE C 34 20.30 -16.32 -12.73
CA ILE C 34 20.28 -14.95 -12.27
C ILE C 34 20.66 -14.03 -13.44
N THR C 35 19.76 -13.17 -13.86
CA THR C 35 20.10 -12.28 -14.95
C THR C 35 20.96 -11.12 -14.46
N GLY C 36 21.89 -10.68 -15.30
CA GLY C 36 22.81 -9.59 -14.96
C GLY C 36 23.55 -9.84 -13.68
N ALA C 37 24.21 -10.99 -13.59
CA ALA C 37 24.80 -11.44 -12.33
C ALA C 37 26.28 -11.23 -12.22
N SER C 38 26.91 -10.57 -13.18
CA SER C 38 28.36 -10.47 -13.14
C SER C 38 28.90 -9.61 -12.03
N LYS C 39 28.12 -8.63 -11.62
CA LYS C 39 28.62 -7.58 -10.70
C LYS C 39 27.47 -7.10 -9.79
N GLY C 40 27.83 -6.25 -8.84
CA GLY C 40 26.88 -5.67 -7.91
C GLY C 40 25.96 -6.65 -7.22
N ILE C 41 24.70 -6.27 -7.13
CA ILE C 41 23.70 -7.10 -6.44
C ILE C 41 23.62 -8.51 -7.08
N GLY C 42 23.56 -8.56 -8.40
CA GLY C 42 23.49 -9.84 -9.08
C GLY C 42 24.61 -10.77 -8.62
N ALA C 43 25.83 -10.24 -8.53
CA ALA C 43 26.96 -11.06 -8.08
C ALA C 43 26.75 -11.62 -6.71
N GLU C 44 26.30 -10.78 -5.77
CA GLU C 44 26.05 -11.24 -4.40
C GLU C 44 24.97 -12.30 -4.33
N ILE C 45 23.95 -12.18 -5.16
CA ILE C 45 22.90 -13.17 -5.18
C ILE C 45 23.53 -14.50 -5.55
N ALA C 46 24.38 -14.47 -6.59
CA ALA C 46 25.08 -15.68 -7.01
C ALA C 46 25.94 -16.27 -5.89
N LYS C 47 26.70 -15.43 -5.20
CA LYS C 47 27.51 -15.91 -4.11
C LYS C 47 26.66 -16.54 -3.06
N THR C 48 25.63 -15.83 -2.63
CA THR C 48 24.83 -16.25 -1.51
C THR C 48 24.16 -17.59 -1.82
N LEU C 49 23.58 -17.70 -3.00
CA LEU C 49 22.87 -18.92 -3.37
C LEU C 49 23.80 -20.11 -3.60
N ALA C 50 24.95 -19.88 -4.22
CA ALA C 50 25.96 -20.92 -4.36
C ALA C 50 26.43 -21.40 -2.98
N SER C 51 26.56 -20.48 -2.03
CA SER C 51 27.04 -20.86 -0.72
C SER C 51 26.01 -21.68 0.01
N MET C 52 24.78 -21.69 -0.49
CA MET C 52 23.70 -22.49 0.14
C MET C 52 23.40 -23.75 -0.68
N GLY C 53 24.31 -24.16 -1.59
CA GLY C 53 24.23 -25.45 -2.26
C GLY C 53 23.55 -25.48 -3.64
N LEU C 54 23.09 -24.32 -4.12
CA LEU C 54 22.45 -24.23 -5.41
C LEU C 54 23.50 -24.10 -6.47
N LYS C 55 23.22 -24.67 -7.64
CA LYS C 55 24.07 -24.46 -8.82
C LYS C 55 23.62 -23.17 -9.49
N VAL C 56 24.53 -22.20 -9.57
CA VAL C 56 24.17 -20.84 -9.99
C VAL C 56 24.58 -20.60 -11.44
N TRP C 57 23.65 -20.12 -12.25
CA TRP C 57 23.96 -19.73 -13.62
C TRP C 57 24.07 -18.22 -13.69
N ILE C 58 25.28 -17.74 -14.00
CA ILE C 58 25.64 -16.35 -13.95
C ILE C 58 25.48 -15.78 -15.33
N ASN C 59 24.46 -14.94 -15.53
CA ASN C 59 24.23 -14.32 -16.85
C ASN C 59 25.03 -13.03 -17.00
N TYR C 60 25.60 -12.83 -18.18
CA TYR C 60 26.33 -11.60 -18.56
C TYR C 60 26.07 -11.29 -20.04
N ARG C 61 26.30 -10.05 -20.45
CA ARG C 61 26.06 -9.59 -21.82
C ARG C 61 27.31 -9.55 -22.63
N SER C 62 28.31 -8.83 -22.12
CA SER C 62 29.51 -8.50 -22.92
C SER C 62 30.78 -9.06 -22.28
N ASN C 63 31.18 -8.56 -21.10
CA ASN C 63 32.47 -8.95 -20.54
C ASN C 63 32.51 -10.28 -19.77
N ALA C 64 33.07 -11.29 -20.43
CA ALA C 64 33.23 -12.63 -19.87
C ALA C 64 34.27 -12.71 -18.72
N GLU C 65 35.33 -11.90 -18.78
CA GLU C 65 36.37 -11.90 -17.75
C GLU C 65 35.77 -11.81 -16.34
N VAL C 66 34.87 -10.86 -16.15
CA VAL C 66 34.33 -10.59 -14.83
C VAL C 66 33.46 -11.75 -14.35
N ALA C 67 32.68 -12.31 -15.25
CA ALA C 67 31.81 -13.43 -14.92
C ALA C 67 32.64 -14.69 -14.59
N ASP C 68 33.64 -14.98 -15.42
CA ASP C 68 34.54 -16.10 -15.21
C ASP C 68 35.30 -16.01 -13.88
N ALA C 69 35.74 -14.82 -13.52
CA ALA C 69 36.39 -14.60 -12.25
C ALA C 69 35.48 -14.97 -11.09
N LEU C 70 34.19 -14.67 -11.22
CA LEU C 70 33.23 -14.93 -10.16
C LEU C 70 32.94 -16.43 -10.13
N LYS C 71 32.72 -17.02 -11.29
CA LYS C 71 32.57 -18.48 -11.39
C LYS C 71 33.76 -19.25 -10.77
N ASN C 72 34.98 -18.87 -11.13
CA ASN C 72 36.19 -19.47 -10.58
C ASN C 72 36.26 -19.33 -9.07
N GLU C 73 35.94 -18.14 -8.56
CA GLU C 73 35.92 -17.91 -7.14
C GLU C 73 34.98 -18.90 -6.44
N LEU C 74 33.81 -19.12 -7.00
CA LEU C 74 32.84 -19.98 -6.38
C LEU C 74 33.26 -21.46 -6.45
N GLU C 75 33.80 -21.88 -7.60
CA GLU C 75 34.29 -23.26 -7.74
C GLU C 75 35.42 -23.55 -6.76
N GLU C 76 36.32 -22.59 -6.58
CA GLU C 76 37.40 -22.77 -5.64
C GLU C 76 36.91 -23.00 -4.20
N LYS C 77 35.72 -22.50 -3.87
CA LYS C 77 35.10 -22.71 -2.57
C LYS C 77 34.31 -24.01 -2.49
N GLY C 78 34.26 -24.77 -3.57
CA GLY C 78 33.56 -26.05 -3.60
C GLY C 78 32.14 -25.94 -4.11
N TYR C 79 31.76 -24.75 -4.56
CA TYR C 79 30.41 -24.56 -5.03
C TYR C 79 30.22 -24.89 -6.51
N LYS C 80 28.97 -24.99 -6.92
CA LYS C 80 28.61 -25.21 -8.32
C LYS C 80 28.18 -23.92 -9.03
N ALA C 81 28.84 -23.60 -10.13
CA ALA C 81 28.53 -22.40 -10.89
C ALA C 81 28.83 -22.56 -12.36
N ALA C 82 28.03 -21.91 -13.20
CA ALA C 82 28.42 -21.74 -14.59
C ALA C 82 28.08 -20.30 -15.05
N VAL C 83 28.64 -19.89 -16.18
CA VAL C 83 28.34 -18.59 -16.78
C VAL C 83 27.58 -18.83 -18.09
N ILE C 84 26.80 -17.84 -18.51
CA ILE C 84 26.00 -17.99 -19.72
C ILE C 84 25.70 -16.62 -20.30
N LYS C 85 25.96 -16.47 -21.59
CA LYS C 85 25.92 -15.17 -22.20
C LYS C 85 24.58 -14.95 -22.87
N PHE C 86 23.88 -13.89 -22.51
CA PHE C 86 22.68 -13.47 -23.26
C PHE C 86 22.18 -12.09 -22.85
N ASP C 87 21.39 -11.49 -23.74
CA ASP C 87 20.74 -10.22 -23.47
C ASP C 87 19.33 -10.56 -23.02
N ALA C 88 19.02 -10.26 -21.76
CA ALA C 88 17.73 -10.68 -21.20
C ALA C 88 16.53 -9.98 -21.84
N ALA C 89 16.76 -8.87 -22.53
CA ALA C 89 15.70 -8.17 -23.31
C ALA C 89 15.44 -8.78 -24.69
N SER C 90 16.28 -9.73 -25.08
CA SER C 90 16.10 -10.44 -26.35
C SER C 90 15.40 -11.76 -26.08
N GLU C 91 14.20 -11.92 -26.64
CA GLU C 91 13.43 -13.12 -26.38
C GLU C 91 14.18 -14.36 -26.79
N SER C 92 14.80 -14.33 -27.97
CA SER C 92 15.35 -15.53 -28.57
C SER C 92 16.60 -15.93 -27.82
N ASP C 93 17.41 -14.96 -27.44
CA ASP C 93 18.56 -15.23 -26.58
C ASP C 93 18.16 -15.89 -25.24
N PHE C 94 17.13 -15.35 -24.58
CA PHE C 94 16.67 -15.85 -23.28
C PHE C 94 16.10 -17.28 -23.40
N ILE C 95 15.28 -17.52 -24.42
CA ILE C 95 14.79 -18.86 -24.70
C ILE C 95 15.93 -19.87 -24.93
N GLU C 96 16.92 -19.51 -25.74
CA GLU C 96 18.03 -20.40 -26.04
C GLU C 96 18.81 -20.68 -24.76
N ALA C 97 19.05 -19.65 -23.97
CA ALA C 97 19.79 -19.83 -22.71
C ALA C 97 19.10 -20.83 -21.78
N ILE C 98 17.77 -20.76 -21.69
CA ILE C 98 17.06 -21.65 -20.82
C ILE C 98 17.12 -23.05 -21.33
N GLN C 99 17.04 -23.22 -22.64
CA GLN C 99 17.19 -24.56 -23.24
C GLN C 99 18.57 -25.15 -22.94
N THR C 100 19.61 -24.31 -22.96
CA THR C 100 20.97 -24.75 -22.63
C THR C 100 21.09 -25.26 -21.22
N ILE C 101 20.47 -24.54 -20.29
CA ILE C 101 20.44 -24.92 -18.89
C ILE C 101 19.65 -26.19 -18.68
N VAL C 102 18.52 -26.29 -19.36
CA VAL C 102 17.69 -27.49 -19.25
C VAL C 102 18.47 -28.74 -19.73
N GLN C 103 19.22 -28.61 -20.82
CA GLN C 103 20.04 -29.71 -21.34
C GLN C 103 21.14 -30.11 -20.34
N SER C 104 21.77 -29.13 -19.68
CA SER C 104 22.86 -29.45 -18.75
C SER C 104 22.38 -30.04 -17.45
N ASP C 105 21.34 -29.43 -16.85
CA ASP C 105 20.94 -29.76 -15.51
C ASP C 105 19.64 -30.59 -15.46
N GLY C 106 18.89 -30.64 -16.56
CA GLY C 106 17.62 -31.39 -16.65
C GLY C 106 16.36 -30.60 -16.31
N GLY C 107 16.49 -29.29 -16.05
CA GLY C 107 15.39 -28.48 -15.58
C GLY C 107 15.95 -27.24 -14.93
N LEU C 108 15.05 -26.41 -14.39
CA LEU C 108 15.42 -25.17 -13.69
C LEU C 108 14.37 -24.86 -12.64
N SER C 109 14.79 -24.80 -11.37
CA SER C 109 13.84 -24.56 -10.28
C SER C 109 13.66 -23.08 -9.89
N TYR C 110 14.69 -22.26 -10.04
CA TYR C 110 14.63 -20.90 -9.60
C TYR C 110 15.13 -19.93 -10.66
N LEU C 111 14.53 -18.74 -10.69
CA LEU C 111 14.94 -17.60 -11.56
C LEU C 111 14.91 -16.28 -10.79
N VAL C 112 15.95 -15.49 -10.95
CA VAL C 112 15.98 -14.17 -10.42
C VAL C 112 16.15 -13.18 -11.58
N ASN C 113 15.14 -12.32 -11.79
CA ASN C 113 15.25 -11.23 -12.75
C ASN C 113 15.86 -10.02 -12.08
N ASN C 114 17.16 -9.88 -12.27
CA ASN C 114 17.93 -8.84 -11.66
C ASN C 114 18.46 -7.84 -12.70
N ALA C 115 18.56 -8.25 -13.97
CA ALA C 115 19.06 -7.35 -15.02
C ALA C 115 18.31 -6.05 -14.96
N GLY C 116 19.02 -4.94 -14.95
CA GLY C 116 18.37 -3.62 -14.92
C GLY C 116 19.34 -2.52 -15.28
N VAL C 117 18.81 -1.42 -15.84
CA VAL C 117 19.61 -0.19 -16.12
C VAL C 117 18.89 1.05 -15.63
N VAL C 118 19.62 2.16 -15.59
CA VAL C 118 19.05 3.47 -15.33
C VAL C 118 19.43 4.40 -16.46
N ARG C 119 18.53 5.32 -16.80
CA ARG C 119 18.91 6.47 -17.62
C ARG C 119 18.10 7.68 -17.18
N ASP C 120 18.62 8.30 -16.15
CA ASP C 120 17.95 9.35 -15.39
C ASP C 120 18.04 10.68 -16.13
N LYS C 121 16.89 11.34 -16.28
CA LYS C 121 16.76 12.67 -16.84
C LYS C 121 15.43 13.25 -16.37
N LEU C 122 15.33 14.57 -16.29
CA LEU C 122 14.04 15.18 -16.12
C LEU C 122 13.18 14.80 -17.29
N ALA C 123 11.90 14.58 -17.03
CA ALA C 123 10.98 14.18 -18.09
C ALA C 123 10.96 15.09 -19.31
N ILE C 124 11.02 16.41 -19.11
CA ILE C 124 10.99 17.35 -20.22
C ILE C 124 12.22 17.23 -21.12
N LYS C 125 13.32 16.70 -20.60
CA LYS C 125 14.53 16.46 -21.38
C LYS C 125 14.67 15.02 -21.86
N MET C 126 13.64 14.21 -21.67
CA MET C 126 13.76 12.80 -21.93
C MET C 126 13.10 12.40 -23.25
N LYS C 127 13.85 11.70 -24.10
CA LYS C 127 13.31 11.28 -25.38
C LYS C 127 12.54 10.00 -25.17
N THR C 128 11.66 9.72 -26.10
CA THR C 128 10.94 8.47 -26.07
C THR C 128 11.92 7.27 -26.05
N GLU C 129 13.03 7.37 -26.78
CA GLU C 129 14.00 6.28 -26.84
C GLU C 129 14.67 6.04 -25.47
N ASP C 130 14.82 7.11 -24.66
CA ASP C 130 15.31 7.00 -23.31
C ASP C 130 14.36 6.18 -22.45
N PHE C 131 13.07 6.35 -22.68
CA PHE C 131 12.01 5.66 -21.95
C PHE C 131 11.99 4.21 -22.36
N HIS C 132 11.93 3.95 -23.66
CA HIS C 132 11.96 2.58 -24.18
C HIS C 132 13.18 1.81 -23.73
N HIS C 133 14.34 2.47 -23.73
CA HIS C 133 15.57 1.84 -23.32
C HIS C 133 15.43 1.19 -21.94
N VAL C 134 14.93 1.98 -20.97
CA VAL C 134 14.76 1.48 -19.62
C VAL C 134 13.61 0.46 -19.50
N ILE C 135 12.50 0.68 -20.20
CA ILE C 135 11.40 -0.30 -20.20
C ILE C 135 11.85 -1.65 -20.73
N ASP C 136 12.55 -1.63 -21.87
CA ASP C 136 12.98 -2.88 -22.54
C ASP C 136 13.92 -3.64 -21.65
N ASN C 137 14.87 -2.96 -21.05
CA ASN C 137 15.87 -3.67 -20.26
C ASN C 137 15.42 -4.08 -18.86
N ASN C 138 14.42 -3.40 -18.32
CA ASN C 138 14.03 -3.61 -16.94
C ASN C 138 12.75 -4.38 -16.78
N LEU C 139 11.82 -4.18 -17.68
CA LEU C 139 10.46 -4.72 -17.57
C LEU C 139 10.21 -5.79 -18.58
N THR C 140 10.57 -5.54 -19.83
CA THR C 140 10.39 -6.53 -20.86
C THR C 140 11.28 -7.70 -20.56
N SER C 141 12.48 -7.43 -20.07
CA SER C 141 13.41 -8.51 -19.67
C SER C 141 12.76 -9.42 -18.67
N ALA C 142 12.15 -8.82 -17.64
CA ALA C 142 11.46 -9.58 -16.62
C ALA C 142 10.26 -10.35 -17.14
N PHE C 143 9.53 -9.78 -18.08
CA PHE C 143 8.36 -10.48 -18.64
C PHE C 143 8.82 -11.75 -19.35
N ILE C 144 9.90 -11.64 -20.10
CA ILE C 144 10.45 -12.78 -20.80
C ILE C 144 10.95 -13.84 -19.80
N GLY C 145 11.70 -13.42 -18.80
CA GLY C 145 12.12 -14.35 -17.75
C GLY C 145 10.95 -15.02 -17.08
N CYS C 146 9.93 -14.26 -16.65
CA CYS C 146 8.84 -14.86 -15.88
C CYS C 146 8.04 -15.82 -16.77
N ARG C 147 7.86 -15.44 -18.03
CA ARG C 147 7.17 -16.29 -18.95
C ARG C 147 7.89 -17.63 -19.14
N GLU C 148 9.19 -17.58 -19.41
CA GLU C 148 9.98 -18.81 -19.64
C GLU C 148 10.10 -19.64 -18.35
N ALA C 149 10.14 -18.97 -17.20
CA ALA C 149 10.14 -19.69 -15.91
C ALA C 149 8.85 -20.52 -15.80
N LEU C 150 7.75 -19.89 -16.15
CA LEU C 150 6.47 -20.52 -16.11
C LEU C 150 6.48 -21.75 -17.02
N LYS C 151 7.00 -21.63 -18.25
CA LYS C 151 7.05 -22.78 -19.16
C LYS C 151 7.91 -23.92 -18.63
N VAL C 152 9.07 -23.60 -18.07
CA VAL C 152 10.02 -24.63 -17.71
C VAL C 152 9.72 -25.26 -16.38
N MET C 153 9.11 -24.52 -15.48
CA MET C 153 8.86 -25.00 -14.13
C MET C 153 7.52 -25.69 -13.99
N SER C 154 6.63 -25.51 -14.95
CA SER C 154 5.28 -26.05 -14.84
C SER C 154 5.27 -27.58 -15.07
N LYS C 155 6.21 -28.06 -15.89
CA LYS C 155 6.45 -29.48 -16.08
C LYS C 155 6.54 -30.18 -14.71
N SER C 156 7.46 -29.69 -13.88
CA SER C 156 7.79 -30.36 -12.62
C SER C 156 6.93 -29.87 -11.45
N ARG C 157 6.00 -28.96 -11.72
CA ARG C 157 5.06 -28.45 -10.70
C ARG C 157 5.77 -27.89 -9.44
N PHE C 158 6.81 -27.10 -9.68
CA PHE C 158 7.57 -26.51 -8.61
C PHE C 158 8.44 -25.42 -9.13
N GLY C 159 8.44 -24.28 -8.43
CA GLY C 159 9.44 -23.25 -8.71
C GLY C 159 9.24 -22.05 -7.84
N SER C 160 10.24 -21.17 -7.87
CA SER C 160 10.09 -19.86 -7.26
C SER C 160 10.86 -18.84 -8.09
N VAL C 161 10.25 -17.65 -8.28
CA VAL C 161 10.88 -16.62 -9.09
C VAL C 161 10.88 -15.30 -8.33
N VAL C 162 12.01 -14.59 -8.37
CA VAL C 162 12.12 -13.27 -7.74
C VAL C 162 12.46 -12.15 -8.73
N ASN C 163 11.70 -11.08 -8.65
CA ASN C 163 11.92 -9.93 -9.48
C ASN C 163 12.58 -8.90 -8.61
N VAL C 164 13.74 -8.42 -9.04
CA VAL C 164 14.45 -7.39 -8.31
C VAL C 164 13.94 -6.06 -8.82
N ALA C 165 13.10 -5.43 -7.99
CA ALA C 165 12.48 -4.16 -8.32
C ALA C 165 13.22 -3.05 -7.59
N SER C 166 12.52 -2.08 -6.99
CA SER C 166 13.17 -0.95 -6.32
C SER C 166 12.17 -0.12 -5.57
N ILE C 167 12.65 0.52 -4.52
CA ILE C 167 11.89 1.54 -3.82
C ILE C 167 11.32 2.61 -4.79
N ILE C 168 12.04 2.89 -5.88
CA ILE C 168 11.58 3.86 -6.87
C ILE C 168 10.30 3.40 -7.59
N GLY C 169 10.07 2.08 -7.65
CA GLY C 169 8.80 1.52 -8.15
C GLY C 169 7.57 1.70 -7.25
N GLU C 170 7.78 1.89 -5.97
CA GLU C 170 6.64 2.04 -5.01
C GLU C 170 6.30 3.49 -4.81
N ARG C 171 7.33 4.31 -4.90
CA ARG C 171 7.30 5.62 -4.33
C ARG C 171 7.46 6.70 -5.37
N GLY C 172 8.12 6.37 -6.49
CA GLY C 172 8.50 7.35 -7.47
C GLY C 172 9.74 8.12 -7.07
N ASN C 173 10.22 8.98 -7.99
CA ASN C 173 11.39 9.83 -7.79
C ASN C 173 11.55 10.83 -8.93
N MET C 174 11.95 12.05 -8.57
CA MET C 174 12.28 13.11 -9.53
C MET C 174 13.38 12.62 -10.45
N GLY C 175 13.23 12.86 -11.73
CA GLY C 175 14.22 12.44 -12.72
C GLY C 175 14.18 10.97 -13.15
N GLN C 176 13.19 10.22 -12.69
CA GLN C 176 13.14 8.79 -12.92
C GLN C 176 11.78 8.30 -13.38
N THR C 177 11.11 9.09 -14.24
CA THR C 177 9.85 8.68 -14.76
C THR C 177 9.98 7.32 -15.46
N ASN C 178 11.07 7.11 -16.20
CA ASN C 178 11.24 5.87 -16.89
C ASN C 178 11.59 4.67 -15.97
N TYR C 179 12.56 4.83 -15.08
CA TYR C 179 12.89 3.79 -14.13
C TYR C 179 11.71 3.39 -13.22
N SER C 180 11.09 4.37 -12.53
CA SER C 180 9.90 4.09 -11.69
C SER C 180 8.83 3.36 -12.52
N ALA C 181 8.62 3.80 -13.76
CA ALA C 181 7.64 3.14 -14.60
C ALA C 181 7.95 1.64 -14.75
N SER C 182 9.24 1.35 -14.96
CA SER C 182 9.65 0.00 -15.30
C SER C 182 9.55 -0.89 -14.06
N LYS C 183 9.92 -0.36 -12.91
CA LYS C 183 9.97 -1.12 -11.69
C LYS C 183 8.59 -1.24 -11.10
N GLY C 184 7.81 -0.17 -11.13
CA GLY C 184 6.37 -0.28 -10.79
C GLY C 184 5.60 -1.28 -11.65
N GLY C 185 5.99 -1.36 -12.91
CA GLY C 185 5.38 -2.31 -13.84
C GLY C 185 5.80 -3.70 -13.47
N MET C 186 7.09 -3.85 -13.20
CA MET C 186 7.64 -5.14 -12.74
C MET C 186 6.93 -5.67 -11.48
N ILE C 187 6.69 -4.80 -10.52
CA ILE C 187 5.97 -5.19 -9.31
C ILE C 187 4.55 -5.70 -9.58
N ALA C 188 3.78 -4.94 -10.36
CA ALA C 188 2.42 -5.29 -10.70
C ALA C 188 2.37 -6.56 -11.59
N MET C 189 3.27 -6.63 -12.56
CA MET C 189 3.36 -7.77 -13.47
C MET C 189 3.65 -9.08 -12.72
N SER C 190 4.53 -9.01 -11.70
CA SER C 190 4.85 -10.15 -10.88
C SER C 190 3.61 -10.74 -10.19
N LYS C 191 2.74 -9.86 -9.70
CA LYS C 191 1.50 -10.31 -9.07
C LYS C 191 0.68 -11.15 -10.05
N SER C 192 0.59 -10.69 -11.30
CA SER C 192 -0.22 -11.40 -12.29
C SER C 192 0.36 -12.79 -12.54
N PHE C 193 1.67 -12.87 -12.68
CA PHE C 193 2.35 -14.16 -12.79
C PHE C 193 2.13 -15.04 -11.56
N ALA C 194 2.06 -14.43 -10.40
CA ALA C 194 1.79 -15.23 -9.21
C ALA C 194 0.46 -15.96 -9.38
N TYR C 195 -0.57 -15.30 -9.91
CA TYR C 195 -1.86 -15.97 -10.06
C TYR C 195 -1.72 -17.11 -11.07
N GLU C 196 -0.96 -16.88 -12.13
CA GLU C 196 -0.87 -17.86 -13.17
C GLU C 196 -0.06 -19.05 -12.70
N GLY C 197 0.95 -18.82 -11.86
CA GLY C 197 1.81 -19.90 -11.39
C GLY C 197 1.26 -20.70 -10.21
N ALA C 198 0.26 -20.15 -9.52
CA ALA C 198 -0.13 -20.66 -8.21
C ALA C 198 -0.58 -22.13 -8.18
N LEU C 199 -1.50 -22.52 -9.05
CA LEU C 199 -1.95 -23.92 -9.08
C LEU C 199 -0.81 -24.95 -9.37
N ARG C 200 0.19 -24.57 -10.17
CA ARG C 200 1.37 -25.41 -10.40
C ARG C 200 2.49 -25.18 -9.41
N ASN C 201 2.17 -24.56 -8.27
CA ASN C 201 3.16 -24.29 -7.21
C ASN C 201 4.43 -23.55 -7.68
N ILE C 202 4.25 -22.61 -8.59
CA ILE C 202 5.31 -21.71 -8.95
C ILE C 202 5.02 -20.31 -8.35
N ARG C 203 5.89 -19.88 -7.41
CA ARG C 203 5.70 -18.63 -6.69
C ARG C 203 6.43 -17.49 -7.39
N PHE C 204 5.82 -16.30 -7.41
CA PHE C 204 6.47 -15.11 -7.94
C PHE C 204 6.41 -14.01 -6.90
N ASN C 205 7.55 -13.37 -6.63
CA ASN C 205 7.65 -12.30 -5.61
C ASN C 205 8.65 -11.29 -6.03
N SER C 206 8.52 -10.08 -5.47
CA SER C 206 9.41 -8.99 -5.73
C SER C 206 10.13 -8.59 -4.48
N VAL C 207 11.36 -8.10 -4.66
CA VAL C 207 12.11 -7.41 -3.65
C VAL C 207 12.19 -5.92 -4.08
N THR C 208 12.03 -4.98 -3.17
CA THR C 208 12.23 -3.55 -3.43
C THR C 208 13.32 -2.97 -2.53
N PRO C 209 14.58 -3.11 -2.95
CA PRO C 209 15.71 -2.52 -2.26
C PRO C 209 15.67 -1.00 -2.22
N GLY C 210 16.18 -0.44 -1.13
CA GLY C 210 16.40 1.02 -1.03
C GLY C 210 17.72 1.39 -1.64
N PHE C 211 18.45 2.25 -0.98
CA PHE C 211 19.77 2.61 -1.49
C PHE C 211 20.84 1.64 -1.00
N ILE C 212 21.52 1.01 -1.95
CA ILE C 212 22.49 -0.03 -1.69
C ILE C 212 23.90 0.37 -2.12
N GLU C 213 24.93 0.02 -1.34
CA GLU C 213 26.36 0.42 -1.58
C GLU C 213 27.06 0.05 -2.88
N THR C 214 27.07 -1.22 -3.27
CA THR C 214 28.12 -1.70 -4.20
C THR C 214 29.05 -0.65 -4.84
N LYS C 225 24.96 9.69 -1.38
CA LYS C 225 25.11 9.03 -0.11
C LYS C 225 24.61 9.85 1.09
N ALA C 226 25.37 10.84 1.57
CA ALA C 226 25.02 11.59 2.83
C ALA C 226 23.66 12.37 2.85
N ASP C 227 23.23 12.84 1.67
CA ASP C 227 21.84 13.23 1.41
C ASP C 227 20.85 12.06 1.67
N TYR C 228 21.08 10.90 1.06
CA TYR C 228 20.16 9.77 1.23
C TYR C 228 20.14 9.39 2.69
N VAL C 229 21.31 9.11 3.26
CA VAL C 229 21.47 8.51 4.60
C VAL C 229 20.75 9.20 5.78
N LYS C 230 20.70 10.53 5.80
CA LYS C 230 19.91 11.29 6.83
C LYS C 230 18.52 10.71 6.98
N ASN C 231 17.88 10.41 5.83
CA ASN C 231 16.52 9.90 5.80
C ASN C 231 16.34 8.41 6.07
N ILE C 232 17.44 7.65 6.07
CA ILE C 232 17.37 6.24 6.32
C ILE C 232 17.47 5.97 7.82
N PRO C 233 16.38 5.52 8.45
CA PRO C 233 16.42 5.20 9.88
C PRO C 233 17.58 4.34 10.39
N LEU C 234 17.93 3.24 9.68
CA LEU C 234 19.08 2.44 10.05
C LEU C 234 20.37 3.16 9.76
N ASN C 235 20.28 4.32 9.11
CA ASN C 235 21.38 5.28 9.08
C ASN C 235 22.61 4.84 8.28
N ARG C 236 22.38 4.15 7.18
CA ARG C 236 23.44 3.62 6.35
C ARG C 236 22.82 3.07 5.11
N LEU C 237 23.64 2.90 4.09
CA LEU C 237 23.18 2.23 2.89
C LEU C 237 23.20 0.75 3.15
N GLY C 238 22.34 0.03 2.43
CA GLY C 238 22.28 -1.40 2.54
C GLY C 238 23.43 -1.99 1.76
N SER C 239 23.84 -3.18 2.17
CA SER C 239 24.84 -3.95 1.42
C SER C 239 24.12 -4.78 0.36
N ALA C 240 24.86 -5.20 -0.63
CA ALA C 240 24.36 -6.13 -1.62
C ALA C 240 23.99 -7.50 -1.04
N LYS C 241 24.77 -7.94 -0.07
CA LYS C 241 24.48 -9.17 0.65
C LYS C 241 23.10 -9.19 1.34
N GLU C 242 22.76 -8.08 2.01
CA GLU C 242 21.47 -7.97 2.63
C GLU C 242 20.30 -8.09 1.63
N VAL C 243 20.44 -7.54 0.42
CA VAL C 243 19.41 -7.73 -0.60
C VAL C 243 19.43 -9.20 -1.05
N ALA C 244 20.61 -9.78 -1.20
CA ALA C 244 20.76 -11.18 -1.67
C ALA C 244 20.15 -12.18 -0.70
N GLU C 245 20.20 -11.91 0.61
CA GLU C 245 19.64 -12.88 1.58
C GLU C 245 18.12 -12.79 1.59
N ALA C 246 17.57 -11.65 1.15
CA ALA C 246 16.12 -11.50 1.04
C ALA C 246 15.65 -12.25 -0.15
N VAL C 247 16.38 -12.12 -1.23
CA VAL C 247 16.04 -12.87 -2.46
C VAL C 247 16.05 -14.36 -2.13
N ALA C 248 17.07 -14.78 -1.43
CA ALA C 248 17.22 -16.17 -1.06
C ALA C 248 16.07 -16.69 -0.23
N PHE C 249 15.58 -15.88 0.71
CA PHE C 249 14.44 -16.27 1.51
C PHE C 249 13.19 -16.48 0.65
N LEU C 250 12.95 -15.58 -0.30
CA LEU C 250 11.78 -15.69 -1.20
C LEU C 250 11.89 -16.87 -2.17
N LEU C 251 13.10 -17.31 -2.48
CA LEU C 251 13.27 -18.52 -3.27
C LEU C 251 13.10 -19.80 -2.43
N SER C 252 13.52 -19.72 -1.17
CA SER C 252 13.63 -20.88 -0.28
C SER C 252 12.27 -21.47 0.06
N ASP C 253 12.30 -22.69 0.62
CA ASP C 253 11.09 -23.37 1.07
C ASP C 253 10.42 -22.63 2.22
N HIS C 254 11.17 -21.84 2.95
CA HIS C 254 10.65 -21.11 4.08
C HIS C 254 9.58 -20.10 3.68
N SER C 255 9.60 -19.65 2.42
CA SER C 255 8.62 -18.70 1.95
C SER C 255 7.51 -19.38 1.16
N SER C 256 7.22 -20.64 1.47
CA SER C 256 6.30 -21.44 0.61
C SER C 256 4.85 -20.98 0.56
N TYR C 257 4.38 -20.20 1.54
CA TYR C 257 3.01 -19.62 1.49
C TYR C 257 3.00 -18.14 1.11
N ILE C 258 4.11 -17.66 0.58
CA ILE C 258 4.27 -16.26 0.16
C ILE C 258 4.34 -16.19 -1.35
N THR C 259 3.33 -15.59 -1.95
CA THR C 259 3.39 -15.39 -3.39
C THR C 259 2.65 -14.13 -3.74
N GLY C 260 3.11 -13.43 -4.77
CA GLY C 260 2.57 -12.12 -5.15
C GLY C 260 2.91 -10.97 -4.20
N GLU C 261 3.92 -11.16 -3.37
CA GLU C 261 4.28 -10.18 -2.35
C GLU C 261 5.49 -9.38 -2.82
N THR C 262 5.62 -8.20 -2.22
CA THR C 262 6.71 -7.26 -2.47
C THR C 262 7.49 -7.02 -1.16
N LEU C 263 8.73 -7.45 -1.10
CA LEU C 263 9.48 -7.40 0.16
C LEU C 263 10.41 -6.16 0.16
N LYS C 264 10.14 -5.21 1.07
CA LYS C 264 10.98 -4.02 1.22
C LYS C 264 12.31 -4.24 1.92
N VAL C 265 13.39 -3.81 1.28
CA VAL C 265 14.72 -3.94 1.82
C VAL C 265 15.42 -2.60 1.72
N ASN C 266 14.95 -1.65 2.55
CA ASN C 266 15.32 -0.26 2.39
C ASN C 266 15.71 0.41 3.68
N GLY C 267 15.93 -0.38 4.73
CA GLY C 267 16.40 0.21 5.98
C GLY C 267 15.43 1.13 6.70
N GLY C 268 14.15 1.06 6.37
CA GLY C 268 13.14 1.93 6.97
C GLY C 268 12.86 3.21 6.17
N LEU C 269 13.54 3.38 5.05
CA LEU C 269 13.41 4.62 4.25
C LEU C 269 11.97 4.79 3.72
N TYR C 270 11.28 3.67 3.52
CA TYR C 270 9.90 3.67 3.06
C TYR C 270 9.20 2.53 3.75
N MET C 271 8.14 2.87 4.44
CA MET C 271 7.31 1.95 5.17
C MET C 271 5.81 2.14 4.78
N ALA D 24 -21.38 21.67 -9.98
CA ALA D 24 -20.43 22.74 -10.34
C ALA D 24 -19.18 22.70 -9.42
N MET D 25 -18.28 21.74 -9.68
CA MET D 25 -16.93 21.74 -9.04
C MET D 25 -16.15 22.94 -9.55
N GLN D 26 -15.26 23.47 -8.72
CA GLN D 26 -14.54 24.68 -9.03
C GLN D 26 -13.27 24.33 -9.77
N PHE D 27 -13.03 25.04 -10.89
CA PHE D 27 -11.85 24.90 -11.68
C PHE D 27 -11.24 26.27 -11.95
N THR D 28 -9.99 26.47 -11.59
CA THR D 28 -9.23 27.64 -12.01
C THR D 28 -8.91 27.55 -13.47
N GLY D 29 -8.61 26.34 -13.96
CA GLY D 29 -8.29 26.13 -15.37
C GLY D 29 -9.51 26.21 -16.28
N LYS D 30 -9.30 26.30 -17.57
CA LYS D 30 -10.39 26.60 -18.49
C LYS D 30 -10.62 25.47 -19.51
N ASN D 31 -9.61 24.63 -19.75
CA ASN D 31 -9.77 23.55 -20.70
C ASN D 31 -9.06 22.27 -20.36
N VAL D 32 -9.49 21.20 -21.01
CA VAL D 32 -8.89 19.92 -20.77
C VAL D 32 -8.71 19.09 -22.04
N LEU D 33 -7.61 18.36 -22.16
CA LEU D 33 -7.48 17.31 -23.21
C LEU D 33 -7.67 15.92 -22.61
N ILE D 34 -8.43 15.07 -23.29
CA ILE D 34 -8.75 13.74 -22.81
C ILE D 34 -8.38 12.77 -23.90
N THR D 35 -7.42 11.91 -23.64
CA THR D 35 -7.04 10.97 -24.70
C THR D 35 -8.05 9.86 -24.79
N GLY D 36 -8.26 9.36 -26.00
CA GLY D 36 -9.18 8.24 -26.25
C GLY D 36 -10.57 8.49 -25.72
N ALA D 37 -11.13 9.63 -26.12
CA ALA D 37 -12.35 10.13 -25.47
C ALA D 37 -13.59 9.90 -26.27
N SER D 38 -13.51 9.17 -27.38
CA SER D 38 -14.67 9.05 -28.27
C SER D 38 -15.79 8.25 -27.68
N LYS D 39 -15.43 7.32 -26.81
CA LYS D 39 -16.35 6.34 -26.27
C LYS D 39 -15.98 5.89 -24.84
N GLY D 40 -16.82 5.04 -24.26
CA GLY D 40 -16.62 4.54 -22.91
C GLY D 40 -16.32 5.58 -21.82
N ILE D 41 -15.41 5.24 -20.93
CA ILE D 41 -15.06 6.12 -19.83
C ILE D 41 -14.59 7.49 -20.37
N GLY D 42 -13.76 7.49 -21.42
CA GLY D 42 -13.28 8.71 -21.99
C GLY D 42 -14.44 9.63 -22.37
N ALA D 43 -15.46 9.07 -23.01
CA ALA D 43 -16.62 9.87 -23.37
C ALA D 43 -17.27 10.54 -22.14
N GLU D 44 -17.45 9.77 -21.05
CA GLU D 44 -18.11 10.32 -19.86
C GLU D 44 -17.31 11.41 -19.23
N ILE D 45 -15.99 11.26 -19.25
CA ILE D 45 -15.12 12.28 -18.67
C ILE D 45 -15.39 13.57 -19.44
N ALA D 46 -15.44 13.47 -20.75
CA ALA D 46 -15.74 14.65 -21.58
C ALA D 46 -17.07 15.23 -21.24
N LYS D 47 -18.10 14.39 -21.10
CA LYS D 47 -19.44 14.91 -20.78
C LYS D 47 -19.44 15.61 -19.42
N THR D 48 -18.90 14.94 -18.42
CA THR D 48 -18.89 15.46 -17.10
C THR D 48 -18.13 16.80 -17.00
N LEU D 49 -16.95 16.85 -17.59
CA LEU D 49 -16.13 18.06 -17.51
C LEU D 49 -16.71 19.21 -18.32
N ALA D 50 -17.24 18.91 -19.50
CA ALA D 50 -17.95 19.93 -20.28
C ALA D 50 -19.16 20.49 -19.49
N SER D 51 -19.87 19.61 -18.79
CA SER D 51 -21.04 20.05 -18.03
C SER D 51 -20.63 20.95 -16.87
N MET D 52 -19.35 20.96 -16.52
CA MET D 52 -18.87 21.80 -15.42
C MET D 52 -18.12 23.03 -15.92
N GLY D 53 -18.25 23.39 -17.20
CA GLY D 53 -17.73 24.65 -17.72
C GLY D 53 -16.37 24.62 -18.38
N LEU D 54 -15.73 23.46 -18.44
CA LEU D 54 -14.48 23.29 -19.13
C LEU D 54 -14.67 23.09 -20.62
N LYS D 55 -13.74 23.62 -21.41
CA LYS D 55 -13.72 23.33 -22.84
C LYS D 55 -12.99 21.99 -23.04
N VAL D 56 -13.66 21.01 -23.64
CA VAL D 56 -13.11 19.67 -23.70
C VAL D 56 -12.59 19.33 -25.08
N TRP D 57 -11.35 18.83 -25.14
CA TRP D 57 -10.76 18.40 -26.39
C TRP D 57 -10.84 16.90 -26.44
N ILE D 58 -11.65 16.41 -27.35
CA ILE D 58 -11.97 15.00 -27.46
C ILE D 58 -10.99 14.37 -28.46
N ASN D 59 -10.09 13.52 -27.97
CA ASN D 59 -9.14 12.89 -28.85
C ASN D 59 -9.71 11.61 -29.42
N TYR D 60 -9.42 11.37 -30.70
CA TYR D 60 -9.74 10.07 -31.39
C TYR D 60 -8.63 9.71 -32.36
N ARG D 61 -8.60 8.44 -32.78
CA ARG D 61 -7.57 7.92 -33.70
C ARG D 61 -8.05 7.85 -35.10
N SER D 62 -9.17 7.17 -35.29
CA SER D 62 -9.60 6.79 -36.64
C SER D 62 -10.97 7.38 -36.98
N ASN D 63 -12.03 6.89 -36.30
CA ASN D 63 -13.39 7.25 -36.66
C ASN D 63 -13.84 8.63 -36.11
N ALA D 64 -13.84 9.61 -36.99
CA ALA D 64 -14.30 10.97 -36.68
C ALA D 64 -15.82 11.07 -36.42
N GLU D 65 -16.62 10.26 -37.09
CA GLU D 65 -18.08 10.25 -36.88
C GLU D 65 -18.45 10.23 -35.39
N VAL D 66 -17.85 9.30 -34.66
CA VAL D 66 -18.24 9.06 -33.28
C VAL D 66 -17.87 10.25 -32.41
N ALA D 67 -16.71 10.83 -32.70
CA ALA D 67 -16.22 11.95 -31.93
C ALA D 67 -17.03 13.19 -32.22
N ASP D 68 -17.30 13.43 -33.50
CA ASP D 68 -18.16 14.54 -33.93
C ASP D 68 -19.56 14.47 -33.30
N ALA D 69 -20.11 13.26 -33.22
CA ALA D 69 -21.43 13.09 -32.65
C ALA D 69 -21.44 13.54 -31.18
N LEU D 70 -20.34 13.25 -30.49
CA LEU D 70 -20.20 13.59 -29.07
C LEU D 70 -20.02 15.10 -28.92
N LYS D 71 -19.14 15.66 -29.75
CA LYS D 71 -18.94 17.08 -29.77
C LYS D 71 -20.24 17.85 -30.05
N ASN D 72 -20.99 17.41 -31.05
CA ASN D 72 -22.30 18.02 -31.37
C ASN D 72 -23.25 17.91 -30.19
N GLU D 73 -23.28 16.75 -29.54
CA GLU D 73 -24.17 16.53 -28.41
C GLU D 73 -23.85 17.55 -27.31
N LEU D 74 -22.57 17.79 -27.07
CA LEU D 74 -22.19 18.72 -26.05
C LEU D 74 -22.49 20.18 -26.43
N GLU D 75 -22.21 20.54 -27.68
CA GLU D 75 -22.52 21.90 -28.14
C GLU D 75 -24.02 22.17 -28.08
N GLU D 76 -24.84 21.17 -28.42
CA GLU D 76 -26.31 21.32 -28.37
C GLU D 76 -26.79 21.62 -26.93
N LYS D 77 -26.02 21.23 -25.93
CA LYS D 77 -26.33 21.52 -24.54
C LYS D 77 -25.75 22.88 -24.08
N GLY D 78 -25.06 23.58 -25.00
CA GLY D 78 -24.47 24.87 -24.68
C GLY D 78 -23.03 24.77 -24.20
N TYR D 79 -22.46 23.57 -24.21
CA TYR D 79 -21.07 23.41 -23.72
C TYR D 79 -20.01 23.66 -24.79
N LYS D 80 -18.76 23.78 -24.34
CA LYS D 80 -17.62 24.00 -25.23
C LYS D 80 -16.84 22.70 -25.48
N ALA D 81 -16.68 22.33 -26.75
CA ALA D 81 -16.03 21.10 -27.11
C ALA D 81 -15.38 21.15 -28.47
N ALA D 82 -14.25 20.46 -28.62
CA ALA D 82 -13.69 20.25 -29.94
C ALA D 82 -13.15 18.84 -30.04
N VAL D 83 -12.91 18.38 -31.25
CA VAL D 83 -12.31 17.08 -31.49
C VAL D 83 -10.92 17.30 -32.06
N ILE D 84 -10.05 16.30 -31.90
CA ILE D 84 -8.67 16.43 -32.38
C ILE D 84 -8.07 15.05 -32.59
N LYS D 85 -7.50 14.84 -33.75
CA LYS D 85 -7.14 13.48 -34.16
C LYS D 85 -5.68 13.28 -33.84
N PHE D 86 -5.38 12.23 -33.08
CA PHE D 86 -4.00 11.78 -32.95
C PHE D 86 -3.89 10.42 -32.27
N ASP D 87 -2.76 9.77 -32.48
CA ASP D 87 -2.43 8.53 -31.83
C ASP D 87 -1.59 8.94 -30.63
N ALA D 88 -2.10 8.69 -29.43
CA ALA D 88 -1.42 9.11 -28.20
C ALA D 88 -0.08 8.38 -27.93
N ALA D 89 0.14 7.25 -28.60
CA ALA D 89 1.43 6.54 -28.56
C ALA D 89 2.48 7.10 -29.53
N SER D 90 2.08 8.01 -30.40
CA SER D 90 2.98 8.66 -31.35
C SER D 90 3.39 10.01 -30.79
N GLU D 91 4.67 10.15 -30.52
CA GLU D 91 5.22 11.33 -29.91
C GLU D 91 4.88 12.58 -30.74
N SER D 92 5.10 12.49 -32.04
CA SER D 92 5.03 13.67 -32.88
C SER D 92 3.60 14.09 -33.03
N ASP D 93 2.70 13.14 -33.21
CA ASP D 93 1.28 13.45 -33.25
C ASP D 93 0.79 14.16 -31.98
N PHE D 94 1.20 13.67 -30.81
CA PHE D 94 0.79 14.21 -29.50
C PHE D 94 1.34 15.61 -29.32
N ILE D 95 2.62 15.81 -29.64
CA ILE D 95 3.22 17.16 -29.60
C ILE D 95 2.45 18.15 -30.49
N GLU D 96 2.17 17.76 -31.73
CA GLU D 96 1.50 18.65 -32.66
C GLU D 96 0.11 18.98 -32.14
N ALA D 97 -0.59 17.98 -31.62
CA ALA D 97 -1.95 18.20 -31.08
C ALA D 97 -1.94 19.23 -29.94
N ILE D 98 -0.97 19.16 -29.07
CA ILE D 98 -0.89 20.10 -27.97
C ILE D 98 -0.60 21.50 -28.46
N GLN D 99 0.26 21.62 -29.47
CA GLN D 99 0.59 22.92 -30.05
C GLN D 99 -0.69 23.53 -30.68
N THR D 100 -1.49 22.71 -31.34
CA THR D 100 -2.78 23.17 -31.91
C THR D 100 -3.73 23.73 -30.82
N ILE D 101 -3.80 23.03 -29.69
CA ILE D 101 -4.64 23.45 -28.60
C ILE D 101 -4.12 24.72 -27.96
N VAL D 102 -2.78 24.82 -27.84
CA VAL D 102 -2.16 26.00 -27.25
C VAL D 102 -2.41 27.21 -28.12
N GLN D 103 -2.30 27.07 -29.41
CA GLN D 103 -2.63 28.19 -30.29
C GLN D 103 -4.12 28.56 -30.27
N SER D 104 -5.00 27.56 -30.17
CA SER D 104 -6.44 27.81 -30.17
C SER D 104 -6.90 28.49 -28.88
N ASP D 105 -6.44 28.01 -27.73
CA ASP D 105 -7.00 28.44 -26.45
C ASP D 105 -6.06 29.32 -25.68
N GLY D 106 -4.77 29.33 -26.04
CA GLY D 106 -3.69 30.03 -25.30
C GLY D 106 -2.90 29.24 -24.23
N GLY D 107 -3.17 27.95 -24.09
CA GLY D 107 -2.59 27.15 -23.02
C GLY D 107 -3.44 25.90 -22.84
N LEU D 108 -3.07 25.08 -21.85
CA LEU D 108 -3.85 23.91 -21.52
C LEU D 108 -3.67 23.67 -20.05
N SER D 109 -4.77 23.64 -19.30
CA SER D 109 -4.65 23.52 -17.85
C SER D 109 -4.78 22.09 -17.36
N TYR D 110 -5.53 21.26 -18.07
CA TYR D 110 -5.78 19.92 -17.59
C TYR D 110 -5.56 18.87 -18.70
N LEU D 111 -5.05 17.70 -18.30
CA LEU D 111 -4.89 16.54 -19.17
C LEU D 111 -5.38 15.27 -18.48
N VAL D 112 -6.13 14.44 -19.22
CA VAL D 112 -6.48 13.14 -18.76
C VAL D 112 -5.93 12.07 -19.69
N ASN D 113 -5.03 11.22 -19.18
CA ASN D 113 -4.54 10.12 -19.96
C ASN D 113 -5.44 8.92 -19.72
N ASN D 114 -6.37 8.75 -20.66
CA ASN D 114 -7.36 7.73 -20.61
C ASN D 114 -7.17 6.68 -21.69
N ALA D 115 -6.44 6.99 -22.76
CA ALA D 115 -6.24 6.06 -23.88
C ALA D 115 -5.72 4.78 -23.30
N GLY D 116 -6.35 3.66 -23.64
CA GLY D 116 -5.90 2.37 -23.16
C GLY D 116 -6.49 1.22 -23.96
N VAL D 117 -5.77 0.10 -23.98
CA VAL D 117 -6.26 -1.12 -24.61
C VAL D 117 -6.02 -2.31 -23.71
N VAL D 118 -6.63 -3.44 -24.09
CA VAL D 118 -6.32 -4.73 -23.48
C VAL D 118 -5.95 -5.73 -24.57
N ARG D 119 -5.03 -6.63 -24.27
CA ARG D 119 -4.86 -7.84 -25.06
C ARG D 119 -4.52 -9.00 -24.09
N ASP D 120 -5.59 -9.56 -23.56
CA ASP D 120 -5.55 -10.58 -22.55
C ASP D 120 -5.21 -11.95 -23.14
N LYS D 121 -4.25 -12.61 -22.51
CA LYS D 121 -3.94 -14.00 -22.79
C LYS D 121 -3.10 -14.52 -21.60
N LEU D 122 -3.10 -15.83 -21.38
CA LEU D 122 -2.17 -16.41 -20.41
C LEU D 122 -0.76 -16.10 -20.85
N ALA D 123 0.11 -15.90 -19.88
CA ALA D 123 1.48 -15.54 -20.18
C ALA D 123 2.22 -16.53 -21.10
N ILE D 124 2.00 -17.83 -20.92
CA ILE D 124 2.67 -18.83 -21.72
C ILE D 124 2.25 -18.77 -23.18
N LYS D 125 1.09 -18.19 -23.44
CA LYS D 125 0.61 -18.00 -24.81
C LYS D 125 0.88 -16.60 -25.37
N MET D 126 1.64 -15.79 -24.66
CA MET D 126 1.72 -14.39 -25.01
C MET D 126 3.06 -14.11 -25.67
N LYS D 127 3.01 -13.49 -26.85
CA LYS D 127 4.24 -13.12 -27.55
C LYS D 127 4.73 -11.74 -27.03
N THR D 128 6.01 -11.46 -27.25
CA THR D 128 6.59 -10.19 -26.87
C THR D 128 5.82 -9.01 -27.50
N GLU D 129 5.37 -9.18 -28.73
CA GLU D 129 4.58 -8.15 -29.43
C GLU D 129 3.24 -7.84 -28.73
N ASP D 130 2.65 -8.85 -28.12
CA ASP D 130 1.43 -8.67 -27.35
C ASP D 130 1.67 -7.78 -26.12
N PHE D 131 2.85 -7.94 -25.53
CA PHE D 131 3.28 -7.20 -24.39
C PHE D 131 3.56 -5.77 -24.81
N HIS D 132 4.38 -5.60 -25.84
CA HIS D 132 4.70 -4.25 -26.36
C HIS D 132 3.47 -3.47 -26.79
N HIS D 133 2.52 -4.14 -27.42
CA HIS D 133 1.31 -3.50 -27.85
C HIS D 133 0.67 -2.77 -26.67
N VAL D 134 0.47 -3.47 -25.56
CA VAL D 134 -0.25 -2.93 -24.42
C VAL D 134 0.60 -1.90 -23.66
N ILE D 135 1.91 -2.14 -23.56
CA ILE D 135 2.83 -1.14 -23.02
C ILE D 135 2.85 0.17 -23.82
N ASP D 136 2.97 0.07 -25.16
CA ASP D 136 3.01 1.26 -26.02
C ASP D 136 1.71 2.08 -25.92
N ASN D 137 0.56 1.42 -25.96
CA ASN D 137 -0.70 2.16 -25.97
C ASN D 137 -1.18 2.65 -24.61
N ASN D 138 -0.71 2.04 -23.52
CA ASN D 138 -1.20 2.33 -22.19
C ASN D 138 -0.26 3.15 -21.36
N LEU D 139 1.03 2.91 -21.50
CA LEU D 139 2.03 3.46 -20.63
C LEU D 139 2.88 4.47 -21.36
N THR D 140 3.36 4.11 -22.56
CA THR D 140 4.14 5.05 -23.34
C THR D 140 3.27 6.25 -23.72
N SER D 141 2.02 5.98 -24.08
CA SER D 141 1.05 7.04 -24.33
C SER D 141 0.99 8.03 -23.15
N ALA D 142 0.81 7.49 -21.94
CA ALA D 142 0.75 8.32 -20.75
C ALA D 142 2.09 9.08 -20.49
N PHE D 143 3.22 8.47 -20.83
CA PHE D 143 4.49 9.16 -20.59
C PHE D 143 4.56 10.41 -21.46
N ILE D 144 4.14 10.25 -22.70
CA ILE D 144 4.17 11.35 -23.64
C ILE D 144 3.21 12.45 -23.14
N GLY D 145 2.02 12.05 -22.76
CA GLY D 145 1.08 13.02 -22.26
C GLY D 145 1.61 13.77 -21.05
N CYS D 146 2.12 13.05 -20.07
CA CYS D 146 2.56 13.70 -18.84
C CYS D 146 3.72 14.61 -19.11
N ARG D 147 4.61 14.18 -19.99
CA ARG D 147 5.74 14.98 -20.35
C ARG D 147 5.29 16.29 -20.96
N GLU D 148 4.40 16.22 -21.97
CA GLU D 148 3.95 17.42 -22.67
C GLU D 148 3.12 18.33 -21.77
N ALA D 149 2.39 17.72 -20.85
CA ALA D 149 1.59 18.50 -19.90
C ALA D 149 2.57 19.34 -19.09
N LEU D 150 3.66 18.70 -18.66
CA LEU D 150 4.69 19.38 -17.91
C LEU D 150 5.27 20.57 -18.70
N LYS D 151 5.59 20.37 -19.97
CA LYS D 151 6.09 21.49 -20.82
C LYS D 151 5.11 22.64 -20.98
N VAL D 152 3.83 22.35 -21.24
CA VAL D 152 2.91 23.45 -21.55
C VAL D 152 2.37 24.13 -20.31
N MET D 153 2.30 23.41 -19.19
CA MET D 153 1.67 23.93 -18.00
C MET D 153 2.65 24.66 -17.08
N SER D 154 3.95 24.46 -17.29
CA SER D 154 4.97 25.00 -16.41
C SER D 154 5.12 26.49 -16.65
N LYS D 155 4.87 26.91 -17.88
CA LYS D 155 4.79 28.34 -18.22
C LYS D 155 3.90 29.08 -17.21
N SER D 156 2.66 28.62 -17.12
CA SER D 156 1.64 29.34 -16.37
C SER D 156 1.63 28.93 -14.90
N ARG D 157 2.53 28.03 -14.50
CA ARG D 157 2.65 27.56 -13.10
C ARG D 157 1.34 27.08 -12.51
N PHE D 158 0.64 26.27 -13.29
CA PHE D 158 -0.63 25.72 -12.87
C PHE D 158 -1.03 24.58 -13.77
N GLY D 159 -1.48 23.50 -13.14
CA GLY D 159 -2.10 22.43 -13.90
C GLY D 159 -2.48 21.26 -13.05
N SER D 160 -3.27 20.36 -13.64
CA SER D 160 -3.56 19.09 -13.01
C SER D 160 -3.71 18.01 -14.05
N VAL D 161 -3.12 16.86 -13.78
CA VAL D 161 -3.12 15.75 -14.72
C VAL D 161 -3.59 14.48 -14.05
N VAL D 162 -4.50 13.75 -14.70
CA VAL D 162 -5.00 12.45 -14.19
C VAL D 162 -4.70 11.29 -15.14
N ASN D 163 -4.11 10.26 -14.56
CA ASN D 163 -3.78 9.03 -15.30
C ASN D 163 -4.83 7.98 -14.95
N VAL D 164 -5.54 7.49 -15.96
CA VAL D 164 -6.57 6.51 -15.74
C VAL D 164 -5.90 5.17 -15.75
N ALA D 165 -5.70 4.64 -14.55
CA ALA D 165 -5.07 3.34 -14.35
C ALA D 165 -6.14 2.27 -14.15
N SER D 166 -5.95 1.34 -13.19
CA SER D 166 -6.89 0.25 -12.99
C SER D 166 -6.56 -0.51 -11.75
N ILE D 167 -7.58 -1.14 -11.20
CA ILE D 167 -7.40 -2.09 -10.11
C ILE D 167 -6.40 -3.19 -10.49
N ILE D 168 -6.32 -3.52 -11.75
CA ILE D 168 -5.37 -4.55 -12.21
C ILE D 168 -3.90 -4.11 -12.02
N GLY D 169 -3.67 -2.80 -11.99
CA GLY D 169 -2.33 -2.26 -11.71
C GLY D 169 -1.89 -2.38 -10.27
N GLU D 170 -2.86 -2.52 -9.36
CA GLU D 170 -2.56 -2.54 -7.92
C GLU D 170 -2.45 -3.98 -7.42
N ARG D 171 -3.22 -4.82 -8.05
CA ARG D 171 -3.55 -6.11 -7.52
C ARG D 171 -3.09 -7.25 -8.44
N GLY D 172 -2.91 -6.99 -9.73
CA GLY D 172 -2.65 -8.05 -10.69
C GLY D 172 -3.92 -8.84 -11.04
N ASN D 173 -3.79 -9.74 -12.01
CA ASN D 173 -4.88 -10.57 -12.49
C ASN D 173 -4.39 -11.65 -13.48
N MET D 174 -5.00 -12.84 -13.38
CA MET D 174 -4.74 -13.93 -14.28
C MET D 174 -5.01 -13.47 -15.69
N GLY D 175 -4.09 -13.77 -16.60
CA GLY D 175 -4.26 -13.45 -18.02
C GLY D 175 -3.94 -12.03 -18.39
N GLN D 176 -3.40 -11.27 -17.44
CA GLN D 176 -3.18 -9.85 -17.68
C GLN D 176 -1.78 -9.34 -17.28
N THR D 177 -0.78 -10.17 -17.50
CA THR D 177 0.57 -9.77 -17.19
C THR D 177 0.93 -8.46 -17.88
N ASN D 178 0.51 -8.32 -19.13
CA ASN D 178 0.85 -7.13 -19.89
C ASN D 178 0.04 -5.91 -19.40
N TYR D 179 -1.26 -6.04 -19.25
CA TYR D 179 -2.13 -4.95 -18.77
C TYR D 179 -1.75 -4.45 -17.35
N SER D 180 -1.65 -5.37 -16.38
CA SER D 180 -1.16 -5.05 -15.06
C SER D 180 0.23 -4.36 -15.08
N ALA D 181 1.14 -4.87 -15.91
CA ALA D 181 2.44 -4.19 -16.09
C ALA D 181 2.31 -2.70 -16.48
N SER D 182 1.41 -2.44 -17.44
CA SER D 182 1.31 -1.13 -18.04
C SER D 182 0.63 -0.17 -17.05
N LYS D 183 -0.36 -0.66 -16.30
CA LYS D 183 -1.08 0.16 -15.37
C LYS D 183 -0.34 0.36 -14.07
N GLY D 184 0.31 -0.69 -13.57
CA GLY D 184 1.26 -0.53 -12.44
C GLY D 184 2.43 0.44 -12.77
N GLY D 185 2.86 0.43 -14.02
CA GLY D 185 3.90 1.33 -14.48
C GLY D 185 3.36 2.75 -14.56
N MET D 186 2.15 2.89 -15.09
CA MET D 186 1.48 4.15 -15.07
C MET D 186 1.38 4.78 -13.64
N ILE D 187 1.00 3.96 -12.67
CA ILE D 187 0.75 4.46 -11.32
C ILE D 187 2.08 4.98 -10.72
N ALA D 188 3.13 4.19 -10.90
CA ALA D 188 4.45 4.53 -10.38
C ALA D 188 5.04 5.75 -11.12
N MET D 189 4.88 5.77 -12.43
CA MET D 189 5.35 6.86 -13.25
C MET D 189 4.71 8.18 -12.84
N SER D 190 3.44 8.15 -12.53
CA SER D 190 2.69 9.33 -12.16
C SER D 190 3.25 9.98 -10.92
N LYS D 191 3.66 9.16 -9.96
CA LYS D 191 4.31 9.67 -8.77
C LYS D 191 5.56 10.46 -9.12
N SER D 192 6.36 9.95 -10.06
CA SER D 192 7.63 10.64 -10.40
C SER D 192 7.32 11.99 -11.00
N PHE D 193 6.31 12.04 -11.89
CA PHE D 193 5.90 13.31 -12.46
C PHE D 193 5.42 14.26 -11.35
N ALA D 194 4.73 13.72 -10.36
CA ALA D 194 4.20 14.56 -9.33
C ALA D 194 5.36 15.30 -8.69
N TYR D 195 6.52 14.65 -8.52
CA TYR D 195 7.67 15.36 -7.93
C TYR D 195 8.14 16.42 -8.87
N GLU D 196 8.15 16.10 -10.15
CA GLU D 196 8.71 17.03 -11.11
C GLU D 196 7.80 18.24 -11.33
N GLY D 197 6.47 18.04 -11.20
CA GLY D 197 5.50 19.14 -11.34
C GLY D 197 5.20 19.96 -10.08
N ALA D 198 5.61 19.48 -8.93
CA ALA D 198 5.17 20.09 -7.66
C ALA D 198 5.54 21.57 -7.45
N LEU D 199 6.80 21.93 -7.60
CA LEU D 199 7.21 23.34 -7.41
C LEU D 199 6.49 24.31 -8.38
N ARG D 200 6.18 23.88 -9.61
CA ARG D 200 5.38 24.69 -10.52
C ARG D 200 3.87 24.52 -10.38
N ASN D 201 3.42 23.99 -9.26
CA ASN D 201 1.98 23.72 -9.01
C ASN D 201 1.26 22.93 -10.09
N ILE D 202 1.93 21.92 -10.63
CA ILE D 202 1.29 20.97 -11.55
C ILE D 202 1.14 19.63 -10.82
N ARG D 203 -0.11 19.23 -10.57
CA ARG D 203 -0.39 17.99 -9.83
C ARG D 203 -0.54 16.80 -10.78
N PHE D 204 -0.08 15.63 -10.35
CA PHE D 204 -0.31 14.38 -11.09
C PHE D 204 -0.91 13.34 -10.16
N ASN D 205 -2.01 12.72 -10.57
CA ASN D 205 -2.68 11.70 -9.80
C ASN D 205 -3.21 10.63 -10.68
N SER D 206 -3.47 9.48 -10.07
CA SER D 206 -4.09 8.36 -10.75
C SER D 206 -5.44 8.00 -10.16
N VAL D 207 -6.31 7.51 -11.03
CA VAL D 207 -7.54 6.84 -10.63
C VAL D 207 -7.37 5.33 -10.95
N THR D 208 -7.82 4.44 -10.06
CA THR D 208 -7.83 2.98 -10.30
C THR D 208 -9.25 2.40 -10.22
N PRO D 209 -10.02 2.51 -11.29
CA PRO D 209 -11.36 1.96 -11.38
C PRO D 209 -11.40 0.45 -11.23
N GLY D 210 -12.47 -0.06 -10.64
CA GLY D 210 -12.69 -1.50 -10.59
C GLY D 210 -13.38 -1.96 -11.88
N PHE D 211 -14.39 -2.81 -11.76
CA PHE D 211 -15.13 -3.22 -12.90
C PHE D 211 -16.25 -2.22 -13.20
N ILE D 212 -16.22 -1.66 -14.41
CA ILE D 212 -17.15 -0.63 -14.84
C ILE D 212 -18.06 -1.10 -15.95
N GLU D 213 -19.34 -0.72 -15.94
CA GLU D 213 -20.30 -1.10 -17.02
C GLU D 213 -19.89 -0.48 -18.34
N THR D 214 -19.88 -1.27 -19.41
CA THR D 214 -19.32 -0.78 -20.70
C THR D 214 -19.46 -1.81 -21.82
N ASP D 227 -22.29 -11.16 -11.94
CA ASP D 227 -21.00 -11.74 -12.29
C ASP D 227 -20.24 -12.24 -11.05
N TYR D 228 -18.93 -11.96 -11.04
CA TYR D 228 -18.12 -11.83 -9.82
C TYR D 228 -18.30 -10.35 -9.24
N VAL D 229 -19.37 -9.68 -9.69
CA VAL D 229 -20.20 -8.85 -8.84
C VAL D 229 -20.30 -9.45 -7.43
N LYS D 230 -20.27 -10.78 -7.35
CA LYS D 230 -20.23 -11.51 -6.06
C LYS D 230 -19.23 -10.88 -5.09
N ASN D 231 -18.02 -10.61 -5.59
CA ASN D 231 -16.92 -10.03 -4.80
C ASN D 231 -16.96 -8.52 -4.58
N ILE D 232 -17.83 -7.80 -5.27
CA ILE D 232 -17.89 -6.36 -5.06
C ILE D 232 -18.87 -6.02 -3.93
N PRO D 233 -18.38 -5.45 -2.83
CA PRO D 233 -19.27 -5.10 -1.69
C PRO D 233 -20.48 -4.28 -2.03
N LEU D 234 -20.33 -3.21 -2.82
CA LEU D 234 -21.50 -2.45 -3.26
C LEU D 234 -22.38 -3.23 -4.22
N ASN D 235 -21.92 -4.39 -4.68
CA ASN D 235 -22.77 -5.40 -5.34
C ASN D 235 -23.30 -5.01 -6.70
N ARG D 236 -22.48 -4.30 -7.45
CA ARG D 236 -22.84 -3.86 -8.79
C ARG D 236 -21.60 -3.30 -9.43
N LEU D 237 -21.63 -3.20 -10.73
CA LEU D 237 -20.49 -2.63 -11.47
C LEU D 237 -20.61 -1.13 -11.32
N GLY D 238 -19.49 -0.44 -11.47
CA GLY D 238 -19.49 0.99 -11.44
C GLY D 238 -19.95 1.53 -12.76
N SER D 239 -20.50 2.72 -12.75
CA SER D 239 -20.84 3.43 -14.00
C SER D 239 -19.63 4.23 -14.48
N ALA D 240 -19.62 4.59 -15.73
CA ALA D 240 -18.57 5.45 -16.29
C ALA D 240 -18.61 6.83 -15.64
N LYS D 241 -19.80 7.30 -15.29
CA LYS D 241 -19.99 8.60 -14.59
C LYS D 241 -19.21 8.62 -13.32
N GLU D 242 -19.36 7.56 -12.55
CA GLU D 242 -18.72 7.50 -11.25
C GLU D 242 -17.19 7.59 -11.36
N VAL D 243 -16.61 7.01 -12.39
CA VAL D 243 -15.19 7.16 -12.63
C VAL D 243 -14.90 8.59 -13.07
N ALA D 244 -15.74 9.14 -13.96
CA ALA D 244 -15.56 10.50 -14.46
C ALA D 244 -15.64 11.57 -13.38
N GLU D 245 -16.48 11.40 -12.37
CA GLU D 245 -16.58 12.43 -11.31
C GLU D 245 -15.39 12.35 -10.37
N ALA D 246 -14.76 11.18 -10.26
CA ALA D 246 -13.51 11.07 -9.49
C ALA D 246 -12.35 11.74 -10.23
N VAL D 247 -12.26 11.51 -11.54
CA VAL D 247 -11.31 12.23 -12.34
C VAL D 247 -11.49 13.74 -12.15
N ALA D 248 -12.72 14.19 -12.24
CA ALA D 248 -13.03 15.63 -12.12
C ALA D 248 -12.57 16.18 -10.80
N PHE D 249 -12.76 15.43 -9.74
CA PHE D 249 -12.33 15.88 -8.42
C PHE D 249 -10.81 16.10 -8.42
N LEU D 250 -10.06 15.16 -9.01
CA LEU D 250 -8.61 15.24 -8.98
C LEU D 250 -8.11 16.36 -9.84
N LEU D 251 -8.88 16.76 -10.86
CA LEU D 251 -8.50 17.92 -11.68
C LEU D 251 -8.84 19.24 -10.97
N SER D 252 -9.96 19.24 -10.24
CA SER D 252 -10.54 20.45 -9.64
C SER D 252 -9.66 21.07 -8.59
N ASP D 253 -10.01 22.31 -8.21
CA ASP D 253 -9.30 23.07 -7.16
C ASP D 253 -9.48 22.42 -5.77
N HIS D 254 -10.53 21.64 -5.60
CA HIS D 254 -10.77 20.97 -4.33
C HIS D 254 -9.67 19.97 -3.96
N SER D 255 -8.94 19.47 -4.94
CA SER D 255 -7.91 18.51 -4.67
C SER D 255 -6.52 19.15 -4.67
N SER D 256 -6.45 20.44 -4.33
CA SER D 256 -5.22 21.21 -4.57
C SER D 256 -4.00 20.77 -3.72
N TYR D 257 -4.21 20.07 -2.60
CA TYR D 257 -3.08 19.54 -1.78
C TYR D 257 -2.89 18.03 -2.02
N ILE D 258 -3.56 17.49 -3.04
CA ILE D 258 -3.44 16.07 -3.39
C ILE D 258 -2.60 15.86 -4.65
N THR D 259 -1.43 15.28 -4.48
CA THR D 259 -0.59 14.97 -5.66
C THR D 259 0.17 13.72 -5.41
N GLY D 260 0.42 12.97 -6.48
CA GLY D 260 1.07 11.66 -6.38
C GLY D 260 0.22 10.55 -5.74
N GLU D 261 -1.08 10.75 -5.74
CA GLU D 261 -2.01 9.82 -5.08
C GLU D 261 -2.70 8.98 -6.10
N THR D 262 -3.19 7.84 -5.62
CA THR D 262 -3.92 6.87 -6.43
C THR D 262 -5.33 6.70 -5.82
N LEU D 263 -6.36 7.11 -6.54
CA LEU D 263 -7.74 7.08 -6.00
C LEU D 263 -8.51 5.84 -6.48
N LYS D 264 -8.85 4.95 -5.54
CA LYS D 264 -9.60 3.72 -5.85
C LYS D 264 -11.10 3.97 -6.09
N VAL D 265 -11.57 3.50 -7.23
CA VAL D 265 -12.98 3.64 -7.63
C VAL D 265 -13.44 2.27 -8.05
N ASN D 266 -13.56 1.38 -7.06
CA ASN D 266 -13.82 -0.03 -7.30
C ASN D 266 -14.92 -0.64 -6.44
N GLY D 267 -15.72 0.18 -5.78
CA GLY D 267 -16.89 -0.32 -5.04
C GLY D 267 -16.57 -1.17 -3.81
N GLY D 268 -15.33 -1.09 -3.32
CA GLY D 268 -14.89 -1.94 -2.20
C GLY D 268 -14.24 -3.24 -2.65
N LEU D 269 -14.12 -3.50 -3.95
CA LEU D 269 -13.53 -4.75 -4.44
C LEU D 269 -12.04 -4.93 -4.03
N TYR D 270 -11.34 -3.82 -3.84
CA TYR D 270 -9.99 -3.84 -3.33
C TYR D 270 -9.85 -2.66 -2.36
N MET D 271 -9.42 -2.95 -1.14
CA MET D 271 -9.18 -1.96 -0.11
C MET D 271 -7.79 -2.20 0.49
#